data_6EWW
#
_entry.id   6EWW
#
_cell.length_a   56.947
_cell.length_b   60.309
_cell.length_c   262.185
_cell.angle_alpha   90.00
_cell.angle_beta   90.00
_cell.angle_gamma   90.00
#
_symmetry.space_group_name_H-M   'P 21 21 21'
#
loop_
_entity.id
_entity.type
_entity.pdbx_description
1 polymer '14-3-3 protein zeta/delta'
2 polymer ARG-LYS-LEU-SEP-LEU-GLN-GLU-ARG
3 water water
#
loop_
_entity_poly.entity_id
_entity_poly.type
_entity_poly.pdbx_seq_one_letter_code
_entity_poly.pdbx_strand_id
1 'polypeptide(L)'
;GHMDKNELVQKAKLAEQAERYDDMAACMKSVTEQGAELSNEERNLLSVAYKNVVGARRSSWRVVSSIEQKTEGAEKKQQM
AREYREKIETELRDICNDVLSLLEKFLIPNASQAESKVFYLKMKGDYYRYLAEVAAGDDKKGIVDQSQQAYQEAFEISKK
EMQPTHPIRLGLALNFSVFYYEILNSPEKACSLAKTAFDEAIAELDTLSEESYKDSTLIMQLLRDNLTLWTS
;
A,C,B,D
2 'polypeptide(L)' RKL(SEP)LQER E,F,G,H
#
# COMPACT_ATOMS: atom_id res chain seq x y z
N HIS A 2 -7.52 -19.33 -34.76
CA HIS A 2 -7.09 -18.66 -33.54
C HIS A 2 -5.80 -17.86 -33.76
N MET A 3 -5.57 -16.90 -32.86
CA MET A 3 -4.31 -16.18 -32.81
C MET A 3 -3.33 -16.88 -31.85
N ASP A 4 -2.07 -16.41 -31.87
CA ASP A 4 -0.99 -17.00 -31.08
C ASP A 4 -1.04 -16.44 -29.65
N LYS A 5 -1.39 -17.30 -28.68
CA LYS A 5 -1.51 -16.86 -27.30
C LYS A 5 -0.17 -16.39 -26.75
N ASN A 6 0.93 -16.95 -27.24
CA ASN A 6 2.25 -16.47 -26.87
C ASN A 6 2.43 -14.99 -27.26
N GLU A 7 2.11 -14.67 -28.52
CA GLU A 7 2.13 -13.27 -28.96
C GLU A 7 1.25 -12.41 -28.07
N LEU A 8 0.03 -12.88 -27.81
CA LEU A 8 -0.91 -12.10 -27.01
C LEU A 8 -0.35 -11.82 -25.61
N VAL A 9 0.30 -12.79 -25.00
CA VAL A 9 0.91 -12.53 -23.70
C VAL A 9 2.09 -11.56 -23.86
N GLN A 10 2.75 -11.58 -25.01
CA GLN A 10 3.87 -10.66 -25.20
C GLN A 10 3.36 -9.23 -25.37
N LYS A 11 2.36 -9.07 -26.23
CA LYS A 11 1.76 -7.77 -26.41
C LYS A 11 1.26 -7.25 -25.08
N ALA A 12 0.67 -8.12 -24.24
CA ALA A 12 0.10 -7.62 -23.00
C ALA A 12 1.19 -7.21 -22.01
N LYS A 13 2.34 -7.88 -22.00
CA LYS A 13 3.41 -7.32 -21.19
C LYS A 13 3.86 -5.95 -21.73
N LEU A 14 3.96 -5.82 -23.06
CA LEU A 14 4.28 -4.54 -23.67
C LEU A 14 3.29 -3.47 -23.27
N ALA A 15 2.01 -3.73 -23.49
CA ALA A 15 0.96 -2.79 -23.11
C ALA A 15 1.07 -2.40 -21.65
N GLU A 16 1.39 -3.36 -20.78
CA GLU A 16 1.54 -3.01 -19.37
C GLU A 16 2.64 -1.97 -19.17
N GLN A 17 3.84 -2.24 -19.72
CA GLN A 17 4.92 -1.28 -19.60
C GLN A 17 4.58 0.05 -20.24
N ALA A 18 3.78 0.05 -21.29
CA ALA A 18 3.38 1.30 -21.91
C ALA A 18 2.21 1.99 -21.19
N GLU A 19 1.79 1.47 -20.03
CA GLU A 19 0.64 1.99 -19.29
C GLU A 19 -0.61 2.06 -20.18
N ARG A 20 -0.81 1.03 -21.00
CA ARG A 20 -1.99 0.95 -21.86
C ARG A 20 -2.76 -0.27 -21.42
N TYR A 21 -3.59 -0.08 -20.39
CA TYR A 21 -4.26 -1.19 -19.74
C TYR A 21 -5.51 -1.66 -20.46
N ASP A 22 -6.18 -0.80 -21.21
CA ASP A 22 -7.27 -1.31 -22.03
C ASP A 22 -6.74 -2.31 -23.05
N ASP A 23 -5.59 -1.99 -23.66
CA ASP A 23 -4.89 -2.91 -24.54
C ASP A 23 -4.57 -4.21 -23.83
N MET A 24 -3.90 -4.10 -22.67
CA MET A 24 -3.55 -5.28 -21.89
C MET A 24 -4.75 -6.16 -21.66
N ALA A 25 -5.90 -5.56 -21.33
CA ALA A 25 -7.10 -6.36 -21.09
C ALA A 25 -7.58 -7.03 -22.37
N ALA A 26 -7.55 -6.33 -23.49
CA ALA A 26 -8.03 -6.98 -24.72
C ALA A 26 -7.15 -8.18 -25.08
N CYS A 27 -5.85 -8.03 -24.92
CA CYS A 27 -4.94 -9.14 -25.20
C CYS A 27 -5.28 -10.35 -24.32
N MET A 28 -5.42 -10.11 -23.01
CA MET A 28 -5.61 -11.23 -22.10
C MET A 28 -7.01 -11.83 -22.25
N LYS A 29 -7.96 -11.03 -22.67
CA LYS A 29 -9.30 -11.54 -22.91
C LYS A 29 -9.33 -12.44 -24.15
N SER A 30 -8.55 -12.11 -25.18
CA SER A 30 -8.41 -13.06 -26.28
C SER A 30 -7.79 -14.36 -25.80
N VAL A 31 -6.65 -14.26 -25.10
CA VAL A 31 -6.03 -15.41 -24.49
C VAL A 31 -7.10 -16.28 -23.83
N THR A 32 -7.89 -15.67 -22.95
CA THR A 32 -8.99 -16.34 -22.28
C THR A 32 -9.98 -16.98 -23.27
N GLU A 33 -10.36 -16.26 -24.32
CA GLU A 33 -11.31 -16.74 -25.31
C GLU A 33 -10.76 -17.88 -26.18
N GLN A 34 -9.53 -18.33 -25.97
CA GLN A 34 -9.15 -19.59 -26.60
C GLN A 34 -9.53 -20.81 -25.75
N GLY A 35 -10.31 -20.64 -24.68
CA GLY A 35 -10.90 -21.74 -23.95
C GLY A 35 -9.98 -22.58 -23.08
N ALA A 36 -8.67 -22.45 -23.19
CA ALA A 36 -7.80 -23.22 -22.32
C ALA A 36 -7.78 -22.62 -20.93
N GLU A 37 -7.59 -23.47 -19.92
CA GLU A 37 -7.18 -23.00 -18.62
C GLU A 37 -6.02 -22.04 -18.79
N LEU A 38 -5.92 -21.09 -17.86
CA LEU A 38 -4.85 -20.11 -17.90
C LEU A 38 -3.72 -20.53 -16.95
N SER A 39 -2.48 -20.39 -17.42
CA SER A 39 -1.34 -20.57 -16.54
C SER A 39 -1.35 -19.51 -15.45
N ASN A 40 -0.33 -19.50 -14.58
CA ASN A 40 -0.37 -18.56 -13.46
C ASN A 40 0.04 -17.16 -13.90
N GLU A 41 1.10 -17.07 -14.68
CA GLU A 41 1.47 -15.82 -15.35
C GLU A 41 0.28 -15.21 -16.07
N GLU A 42 -0.41 -16.01 -16.89
CA GLU A 42 -1.56 -15.53 -17.65
C GLU A 42 -2.67 -15.05 -16.72
N ARG A 43 -3.00 -15.87 -15.73
CA ARG A 43 -4.01 -15.52 -14.73
C ARG A 43 -3.76 -14.14 -14.15
N ASN A 44 -2.51 -13.88 -13.75
CA ASN A 44 -2.23 -12.64 -13.04
C ASN A 44 -2.23 -11.46 -13.98
N LEU A 45 -1.71 -11.63 -15.22
CA LEU A 45 -1.73 -10.54 -16.19
C LEU A 45 -3.16 -10.13 -16.55
N LEU A 46 -4.07 -11.08 -16.65
CA LEU A 46 -5.48 -10.75 -16.84
C LEU A 46 -6.01 -9.96 -15.65
N SER A 47 -5.78 -10.46 -14.43
CA SER A 47 -6.33 -9.76 -13.27
C SER A 47 -5.75 -8.35 -13.14
N VAL A 48 -4.44 -8.21 -13.35
CA VAL A 48 -3.80 -6.91 -13.24
C VAL A 48 -4.37 -5.95 -14.28
N ALA A 49 -4.47 -6.42 -15.52
CA ALA A 49 -5.02 -5.58 -16.57
C ALA A 49 -6.37 -5.04 -16.15
N TYR A 50 -7.28 -5.92 -15.74
CA TYR A 50 -8.64 -5.46 -15.48
C TYR A 50 -8.75 -4.68 -14.18
N LYS A 51 -7.94 -5.00 -13.18
CA LYS A 51 -7.83 -4.16 -11.99
C LYS A 51 -7.56 -2.72 -12.39
N ASN A 52 -6.61 -2.51 -13.31
CA ASN A 52 -6.27 -1.15 -13.71
C ASN A 52 -7.40 -0.51 -14.52
N VAL A 53 -7.96 -1.25 -15.49
CA VAL A 53 -9.02 -0.70 -16.31
C VAL A 53 -10.18 -0.25 -15.43
N VAL A 54 -10.68 -1.13 -14.57
CA VAL A 54 -11.76 -0.72 -13.68
C VAL A 54 -11.29 0.35 -12.70
N GLY A 55 -10.00 0.36 -12.39
CA GLY A 55 -9.50 1.28 -11.36
C GLY A 55 -9.57 2.72 -11.81
N ALA A 56 -9.13 2.99 -13.04
CA ALA A 56 -9.18 4.36 -13.54
C ALA A 56 -10.60 4.90 -13.49
N ARG A 57 -11.59 4.03 -13.73
CA ARG A 57 -12.97 4.50 -13.77
C ARG A 57 -13.51 4.70 -12.37
N ARG A 58 -13.08 3.85 -11.42
CA ARG A 58 -13.57 4.04 -10.07
C ARG A 58 -13.05 5.34 -9.50
N SER A 59 -11.75 5.58 -9.69
CA SER A 59 -11.15 6.86 -9.36
C SER A 59 -11.95 8.02 -9.96
N SER A 60 -12.14 8.01 -11.28
CA SER A 60 -12.87 9.11 -11.92
C SER A 60 -14.26 9.30 -11.34
N TRP A 61 -14.93 8.20 -11.01
CA TRP A 61 -16.26 8.27 -10.42
C TRP A 61 -16.21 8.91 -9.03
N ARG A 62 -15.30 8.46 -8.16
CA ARG A 62 -15.20 9.06 -6.84
C ARG A 62 -14.95 10.55 -6.95
N VAL A 63 -14.07 10.93 -7.87
CA VAL A 63 -13.66 12.33 -7.98
C VAL A 63 -14.79 13.19 -8.49
N VAL A 64 -15.49 12.73 -9.53
CA VAL A 64 -16.61 13.49 -10.06
C VAL A 64 -17.77 13.50 -9.07
N SER A 65 -17.92 12.47 -8.25
CA SER A 65 -19.00 12.52 -7.27
C SER A 65 -18.70 13.58 -6.24
N SER A 66 -17.48 13.59 -5.72
CA SER A 66 -17.03 14.65 -4.84
C SER A 66 -17.40 16.02 -5.41
N ILE A 67 -16.98 16.28 -6.65
CA ILE A 67 -17.26 17.59 -7.24
C ILE A 67 -18.76 17.84 -7.29
N GLU A 68 -19.54 16.81 -7.61
CA GLU A 68 -20.97 17.00 -7.77
C GLU A 68 -21.62 17.35 -6.44
N GLN A 69 -21.18 16.73 -5.37
CA GLN A 69 -21.78 17.00 -4.08
C GLN A 69 -21.19 18.22 -3.39
N LYS A 70 -20.17 18.86 -3.95
CA LYS A 70 -19.63 20.08 -3.34
C LYS A 70 -19.87 21.34 -4.16
N THR A 71 -20.66 21.28 -5.23
CA THR A 71 -20.88 22.49 -6.03
C THR A 71 -21.54 23.60 -5.20
N LYS A 76 -27.58 23.44 -12.21
CA LYS A 76 -27.15 23.62 -13.61
C LYS A 76 -25.77 23.01 -13.80
N LYS A 77 -24.78 23.53 -13.07
CA LYS A 77 -23.49 22.87 -12.99
C LYS A 77 -23.64 21.50 -12.33
N GLN A 78 -24.37 21.45 -11.21
CA GLN A 78 -24.59 20.22 -10.46
C GLN A 78 -25.20 19.14 -11.35
N GLN A 79 -26.08 19.52 -12.28
CA GLN A 79 -26.75 18.55 -13.12
C GLN A 79 -25.85 18.05 -14.24
N MET A 80 -24.93 18.87 -14.74
CA MET A 80 -23.98 18.34 -15.70
C MET A 80 -22.97 17.44 -15.01
N ALA A 81 -22.60 17.74 -13.76
CA ALA A 81 -21.76 16.77 -13.06
C ALA A 81 -22.49 15.44 -12.84
N ARG A 82 -23.82 15.48 -12.67
CA ARG A 82 -24.58 14.23 -12.58
C ARG A 82 -24.58 13.46 -13.90
N GLU A 83 -24.80 14.14 -15.04
CA GLU A 83 -24.71 13.42 -16.32
C GLU A 83 -23.33 12.80 -16.50
N TYR A 84 -22.27 13.55 -16.20
CA TYR A 84 -20.92 13.01 -16.39
C TYR A 84 -20.70 11.78 -15.54
N ARG A 85 -21.06 11.86 -14.25
CA ARG A 85 -20.95 10.69 -13.38
C ARG A 85 -21.67 9.50 -13.98
N GLU A 86 -22.87 9.71 -14.52
CA GLU A 86 -23.59 8.57 -15.05
C GLU A 86 -22.95 8.02 -16.33
N LYS A 87 -22.20 8.83 -17.06
CA LYS A 87 -21.46 8.29 -18.20
C LYS A 87 -20.30 7.42 -17.72
N ILE A 88 -19.52 7.91 -16.75
CA ILE A 88 -18.48 7.07 -16.17
C ILE A 88 -19.08 5.78 -15.63
N GLU A 89 -20.27 5.88 -15.03
CA GLU A 89 -20.98 4.70 -14.52
C GLU A 89 -21.29 3.71 -15.62
N THR A 90 -21.86 4.20 -16.74
CA THR A 90 -22.17 3.28 -17.84
C THR A 90 -20.91 2.55 -18.30
N GLU A 91 -19.82 3.29 -18.49
CA GLU A 91 -18.53 2.71 -18.85
C GLU A 91 -18.11 1.63 -17.85
N LEU A 92 -18.16 1.98 -16.56
CA LEU A 92 -17.78 1.06 -15.48
C LEU A 92 -18.63 -0.21 -15.48
N ARG A 93 -19.93 -0.08 -15.71
CA ARG A 93 -20.76 -1.27 -15.74
C ARG A 93 -20.36 -2.16 -16.90
N ASP A 94 -20.03 -1.54 -18.03
CA ASP A 94 -19.64 -2.36 -19.18
C ASP A 94 -18.36 -3.14 -18.86
N ILE A 95 -17.35 -2.49 -18.27
CA ILE A 95 -16.16 -3.22 -17.91
C ILE A 95 -16.49 -4.35 -16.95
N CYS A 96 -17.31 -4.05 -15.93
CA CYS A 96 -17.58 -5.04 -14.89
C CYS A 96 -18.32 -6.26 -15.45
N ASN A 97 -19.30 -6.06 -16.33
CA ASN A 97 -20.00 -7.21 -16.91
C ASN A 97 -19.13 -7.97 -17.91
N ASP A 98 -18.25 -7.26 -18.62
CA ASP A 98 -17.26 -7.95 -19.46
C ASP A 98 -16.46 -8.96 -18.67
N VAL A 99 -15.79 -8.48 -17.60
CA VAL A 99 -15.01 -9.37 -16.72
C VAL A 99 -15.88 -10.50 -16.20
N LEU A 100 -17.04 -10.15 -15.64
CA LEU A 100 -17.87 -11.14 -14.96
C LEU A 100 -18.32 -12.24 -15.91
N SER A 101 -18.58 -11.91 -17.17
CA SER A 101 -18.97 -12.98 -18.06
C SER A 101 -17.76 -13.76 -18.56
N LEU A 102 -16.57 -13.17 -18.58
CA LEU A 102 -15.37 -14.01 -18.74
C LEU A 102 -15.26 -15.01 -17.60
N LEU A 103 -15.49 -14.56 -16.38
CA LEU A 103 -15.41 -15.48 -15.25
C LEU A 103 -16.44 -16.60 -15.38
N GLU A 104 -17.71 -16.25 -15.67
CA GLU A 104 -18.74 -17.30 -15.73
C GLU A 104 -18.57 -18.25 -16.92
N LYS A 105 -18.04 -17.76 -18.04
CA LYS A 105 -18.05 -18.51 -19.30
C LYS A 105 -16.80 -19.35 -19.50
N PHE A 106 -15.63 -18.83 -19.14
CA PHE A 106 -14.37 -19.52 -19.39
C PHE A 106 -13.63 -19.84 -18.10
N LEU A 107 -13.34 -18.84 -17.27
CA LEU A 107 -12.38 -19.05 -16.20
C LEU A 107 -12.90 -20.03 -15.17
N ILE A 108 -14.03 -19.70 -14.54
CA ILE A 108 -14.54 -20.55 -13.47
C ILE A 108 -14.80 -21.97 -13.97
N PRO A 109 -15.57 -22.18 -15.05
CA PRO A 109 -15.80 -23.57 -15.50
C PRO A 109 -14.53 -24.40 -15.66
N ASN A 110 -13.45 -23.82 -16.20
CA ASN A 110 -12.23 -24.53 -16.54
C ASN A 110 -11.22 -24.66 -15.40
N ALA A 111 -11.48 -24.10 -14.23
CA ALA A 111 -10.41 -24.01 -13.23
C ALA A 111 -10.16 -25.38 -12.62
N SER A 112 -8.95 -25.92 -12.83
CA SER A 112 -8.66 -27.29 -12.45
C SER A 112 -8.40 -27.41 -10.96
N GLN A 113 -7.57 -26.53 -10.41
CA GLN A 113 -7.16 -26.60 -9.01
C GLN A 113 -8.17 -25.87 -8.11
N ALA A 114 -8.01 -26.05 -6.80
CA ALA A 114 -8.78 -25.24 -5.86
C ALA A 114 -8.29 -23.80 -5.84
N GLU A 115 -6.97 -23.61 -5.86
CA GLU A 115 -6.35 -22.29 -5.86
C GLU A 115 -6.97 -21.37 -6.91
N SER A 116 -7.06 -21.84 -8.15
CA SER A 116 -7.63 -21.05 -9.22
C SER A 116 -9.12 -20.78 -9.00
N LYS A 117 -9.87 -21.80 -8.59
CA LYS A 117 -11.31 -21.61 -8.38
C LYS A 117 -11.55 -20.52 -7.35
N VAL A 118 -10.76 -20.52 -6.28
CA VAL A 118 -10.89 -19.49 -5.26
C VAL A 118 -10.51 -18.13 -5.83
N PHE A 119 -9.38 -18.07 -6.56
CA PHE A 119 -8.96 -16.82 -7.18
C PHE A 119 -10.07 -16.22 -8.05
N TYR A 120 -10.66 -17.04 -8.90
CA TYR A 120 -11.63 -16.55 -9.86
C TYR A 120 -12.93 -16.14 -9.18
N LEU A 121 -13.38 -16.92 -8.18
CA LEU A 121 -14.62 -16.52 -7.50
C LEU A 121 -14.41 -15.31 -6.61
N LYS A 122 -13.22 -15.17 -6.04
CA LYS A 122 -12.87 -13.91 -5.42
C LYS A 122 -13.05 -12.75 -6.40
N MET A 123 -12.42 -12.84 -7.58
CA MET A 123 -12.62 -11.83 -8.64
C MET A 123 -14.10 -11.57 -8.89
N LYS A 124 -14.88 -12.64 -8.99
CA LYS A 124 -16.31 -12.49 -9.18
C LYS A 124 -16.92 -11.65 -8.07
N GLY A 125 -16.46 -11.84 -6.84
CA GLY A 125 -16.93 -11.02 -5.74
C GLY A 125 -16.52 -9.57 -5.90
N ASP A 126 -15.26 -9.34 -6.26
CA ASP A 126 -14.74 -8.00 -6.48
C ASP A 126 -15.54 -7.24 -7.52
N TYR A 127 -15.87 -7.89 -8.65
CA TYR A 127 -16.47 -7.10 -9.71
C TYR A 127 -17.96 -6.91 -9.50
N TYR A 128 -18.63 -7.85 -8.81
CA TYR A 128 -20.00 -7.53 -8.39
C TYR A 128 -20.00 -6.46 -7.29
N ARG A 129 -18.95 -6.42 -6.47
CA ARG A 129 -18.78 -5.33 -5.51
C ARG A 129 -18.65 -3.99 -6.26
N TYR A 130 -17.77 -3.92 -7.26
CA TYR A 130 -17.62 -2.67 -7.98
C TYR A 130 -18.94 -2.27 -8.64
N LEU A 131 -19.70 -3.25 -9.14
CA LEU A 131 -21.03 -2.90 -9.63
C LEU A 131 -21.88 -2.32 -8.51
N ALA A 132 -21.78 -2.90 -7.30
CA ALA A 132 -22.59 -2.42 -6.18
C ALA A 132 -22.25 -0.98 -5.83
N GLU A 133 -20.96 -0.61 -5.86
CA GLU A 133 -20.53 0.73 -5.46
C GLU A 133 -21.29 1.83 -6.17
N VAL A 134 -21.88 1.54 -7.34
CA VAL A 134 -22.58 2.56 -8.13
C VAL A 134 -23.94 2.06 -8.58
N ALA A 135 -24.51 1.09 -7.88
CA ALA A 135 -25.71 0.42 -8.38
C ALA A 135 -26.95 1.19 -7.95
N ALA A 136 -28.03 1.01 -8.74
CA ALA A 136 -29.24 1.82 -8.62
C ALA A 136 -29.88 1.72 -7.24
N GLY A 137 -30.36 0.53 -6.87
CA GLY A 137 -31.08 0.41 -5.61
C GLY A 137 -32.18 -0.63 -5.57
N ASP A 138 -32.79 -0.93 -6.72
CA ASP A 138 -33.56 -2.14 -6.94
C ASP A 138 -32.71 -3.22 -7.59
N ASP A 139 -32.09 -2.88 -8.70
CA ASP A 139 -31.04 -3.70 -9.29
C ASP A 139 -29.75 -3.37 -8.54
N LYS A 140 -29.80 -3.35 -7.23
CA LYS A 140 -28.60 -3.20 -6.40
C LYS A 140 -28.53 -4.26 -5.31
N LYS A 141 -29.66 -4.60 -4.71
CA LYS A 141 -29.64 -5.67 -3.74
C LYS A 141 -29.26 -6.98 -4.42
N GLY A 142 -29.76 -7.18 -5.65
CA GLY A 142 -29.38 -8.37 -6.40
C GLY A 142 -27.89 -8.43 -6.67
N ILE A 143 -27.30 -7.29 -7.03
CA ILE A 143 -25.88 -7.23 -7.30
C ILE A 143 -25.07 -7.54 -6.04
N VAL A 144 -25.49 -6.97 -4.90
CA VAL A 144 -24.84 -7.24 -3.63
C VAL A 144 -24.89 -8.72 -3.32
N ASP A 145 -26.04 -9.34 -3.56
CA ASP A 145 -26.17 -10.77 -3.30
C ASP A 145 -25.19 -11.57 -4.12
N GLN A 146 -25.10 -11.27 -5.43
CA GLN A 146 -24.11 -11.96 -6.26
C GLN A 146 -22.73 -11.86 -5.64
N SER A 147 -22.33 -10.64 -5.25
CA SER A 147 -20.98 -10.48 -4.69
C SER A 147 -20.82 -11.35 -3.45
N GLN A 148 -21.82 -11.31 -2.56
CA GLN A 148 -21.77 -12.06 -1.31
C GLN A 148 -21.59 -13.53 -1.57
N GLN A 149 -22.41 -14.09 -2.46
CA GLN A 149 -22.36 -15.53 -2.70
C GLN A 149 -21.05 -15.96 -3.36
N ALA A 150 -20.52 -15.15 -4.29
CA ALA A 150 -19.22 -15.49 -4.87
C ALA A 150 -18.14 -15.50 -3.79
N TYR A 151 -18.10 -14.46 -2.96
CA TYR A 151 -17.17 -14.47 -1.84
C TYR A 151 -17.39 -15.68 -0.94
N GLN A 152 -18.66 -16.05 -0.71
CA GLN A 152 -18.99 -17.15 0.21
C GLN A 152 -18.43 -18.47 -0.30
N GLU A 153 -18.87 -18.88 -1.50
CA GLU A 153 -18.30 -20.01 -2.22
C GLU A 153 -16.77 -20.06 -2.09
N ALA A 154 -16.13 -18.94 -2.45
CA ALA A 154 -14.67 -18.87 -2.40
C ALA A 154 -14.15 -19.08 -0.99
N PHE A 155 -14.90 -18.62 0.01
CA PHE A 155 -14.46 -18.73 1.39
C PHE A 155 -14.44 -20.18 1.85
N GLU A 156 -15.58 -20.87 1.71
CA GLU A 156 -15.64 -22.29 2.02
C GLU A 156 -14.52 -23.10 1.35
N ILE A 157 -14.44 -23.02 0.01
CA ILE A 157 -13.35 -23.75 -0.65
C ILE A 157 -12.01 -23.42 -0.01
N SER A 158 -11.78 -22.12 0.26
CA SER A 158 -10.47 -21.69 0.75
C SER A 158 -10.17 -22.28 2.13
N LYS A 159 -11.21 -22.44 2.95
CA LYS A 159 -11.05 -23.15 4.21
C LYS A 159 -10.60 -24.60 3.96
N LYS A 160 -11.30 -25.31 3.06
CA LYS A 160 -10.98 -26.74 2.84
C LYS A 160 -9.56 -26.94 2.29
N GLU A 161 -9.23 -26.33 1.15
CA GLU A 161 -8.02 -26.75 0.44
C GLU A 161 -6.78 -25.83 0.62
N MET A 162 -6.84 -24.85 1.50
CA MET A 162 -5.74 -23.88 1.59
C MET A 162 -5.44 -23.59 3.05
N GLN A 163 -4.15 -23.46 3.37
CA GLN A 163 -3.76 -23.11 4.71
C GLN A 163 -4.35 -21.74 5.07
N PRO A 164 -4.53 -21.44 6.35
CA PRO A 164 -4.95 -20.07 6.72
C PRO A 164 -3.94 -19.01 6.27
N THR A 165 -2.78 -19.44 5.77
CA THR A 165 -1.70 -18.57 5.39
C THR A 165 -1.54 -18.43 3.87
N HIS A 166 -2.38 -19.11 3.08
CA HIS A 166 -2.30 -18.97 1.63
C HIS A 166 -2.61 -17.52 1.27
N PRO A 167 -1.69 -16.80 0.64
CA PRO A 167 -1.94 -15.38 0.31
C PRO A 167 -3.24 -15.17 -0.46
N ILE A 168 -3.72 -16.16 -1.20
CA ILE A 168 -4.95 -15.99 -1.94
C ILE A 168 -6.16 -16.07 -1.00
N ARG A 169 -6.12 -16.97 -0.01
CA ARG A 169 -7.19 -17.00 0.97
C ARG A 169 -7.13 -15.77 1.89
N LEU A 170 -5.93 -15.27 2.16
CA LEU A 170 -5.78 -14.06 2.97
C LEU A 170 -6.34 -12.85 2.24
N GLY A 171 -5.89 -12.63 0.99
CA GLY A 171 -6.47 -11.57 0.18
C GLY A 171 -7.97 -11.69 0.02
N LEU A 172 -8.48 -12.94 -0.04
CA LEU A 172 -9.92 -13.13 -0.12
C LEU A 172 -10.60 -12.66 1.16
N ALA A 173 -10.03 -12.99 2.31
CA ALA A 173 -10.59 -12.53 3.58
C ALA A 173 -10.58 -11.00 3.67
N LEU A 174 -9.47 -10.38 3.23
CA LEU A 174 -9.39 -8.93 3.20
C LEU A 174 -10.53 -8.32 2.39
N ASN A 175 -10.67 -8.72 1.13
CA ASN A 175 -11.68 -8.10 0.27
C ASN A 175 -13.09 -8.42 0.75
N PHE A 176 -13.31 -9.64 1.24
CA PHE A 176 -14.63 -9.99 1.79
C PHE A 176 -14.97 -9.12 3.00
N SER A 177 -13.99 -8.87 3.87
CA SER A 177 -14.26 -7.98 5.00
C SER A 177 -14.58 -6.56 4.49
N VAL A 178 -13.80 -6.05 3.52
CA VAL A 178 -14.13 -4.74 2.95
C VAL A 178 -15.53 -4.75 2.39
N PHE A 179 -15.94 -5.88 1.82
CA PHE A 179 -17.32 -6.00 1.33
C PHE A 179 -18.31 -5.80 2.47
N TYR A 180 -18.08 -6.45 3.62
CA TYR A 180 -19.01 -6.26 4.74
C TYR A 180 -19.02 -4.81 5.20
N TYR A 181 -17.85 -4.24 5.47
CA TYR A 181 -17.79 -2.82 5.85
C TYR A 181 -18.46 -1.89 4.82
N GLU A 182 -17.90 -1.82 3.60
CA GLU A 182 -18.29 -0.75 2.68
C GLU A 182 -19.67 -0.99 2.07
N ILE A 183 -20.00 -2.23 1.72
CA ILE A 183 -21.23 -2.54 0.97
C ILE A 183 -22.38 -2.91 1.90
N LEU A 184 -22.18 -3.87 2.79
CA LEU A 184 -23.25 -4.29 3.67
C LEU A 184 -23.44 -3.37 4.87
N ASN A 185 -22.46 -2.51 5.17
CA ASN A 185 -22.51 -1.65 6.35
C ASN A 185 -22.68 -2.50 7.60
N SER A 186 -21.68 -3.36 7.83
CA SER A 186 -21.67 -4.28 8.96
C SER A 186 -20.27 -4.29 9.54
N PRO A 187 -19.89 -3.21 10.23
CA PRO A 187 -18.56 -3.16 10.84
C PRO A 187 -18.32 -4.33 11.79
N GLU A 188 -19.39 -4.89 12.33
CA GLU A 188 -19.27 -6.05 13.20
C GLU A 188 -18.83 -7.26 12.40
N LYS A 189 -19.66 -7.69 11.44
CA LYS A 189 -19.31 -8.85 10.62
C LYS A 189 -17.96 -8.67 9.94
N ALA A 190 -17.70 -7.45 9.43
CA ALA A 190 -16.41 -7.14 8.78
C ALA A 190 -15.24 -7.31 9.75
N CYS A 191 -15.39 -6.82 10.99
CA CYS A 191 -14.28 -6.87 11.92
C CYS A 191 -14.04 -8.28 12.45
N SER A 192 -15.11 -9.02 12.75
CA SER A 192 -14.92 -10.43 13.11
C SER A 192 -14.24 -11.21 11.99
N LEU A 193 -14.72 -11.08 10.75
CA LEU A 193 -14.12 -11.83 9.64
C LEU A 193 -12.64 -11.50 9.49
N ALA A 194 -12.31 -10.21 9.46
CA ALA A 194 -10.90 -9.80 9.35
C ALA A 194 -10.07 -10.44 10.45
N LYS A 195 -10.53 -10.30 11.71
CA LYS A 195 -9.74 -10.78 12.85
C LYS A 195 -9.62 -12.30 12.87
N THR A 196 -10.73 -13.01 12.66
CA THR A 196 -10.69 -14.47 12.59
C THR A 196 -9.69 -14.95 11.54
N ALA A 197 -9.58 -14.23 10.42
CA ALA A 197 -8.58 -14.59 9.41
C ALA A 197 -7.16 -14.25 9.87
N PHE A 198 -7.01 -13.12 10.56
CA PHE A 198 -5.68 -12.73 11.05
C PHE A 198 -5.17 -13.70 12.11
N ASP A 199 -6.04 -14.00 13.08
CA ASP A 199 -5.69 -14.90 14.17
C ASP A 199 -5.49 -16.33 13.67
N GLU A 200 -6.27 -16.77 12.67
CA GLU A 200 -6.04 -18.10 12.11
C GLU A 200 -4.74 -18.15 11.30
N ALA A 201 -4.38 -17.05 10.63
CA ALA A 201 -3.08 -17.00 9.99
C ALA A 201 -1.93 -16.77 10.96
N ILE A 202 -2.22 -16.52 12.24
CA ILE A 202 -1.15 -16.30 13.21
C ILE A 202 -0.33 -17.58 13.41
N ALA A 203 -1.01 -18.68 13.73
CA ALA A 203 -0.30 -19.93 14.00
C ALA A 203 0.55 -20.43 12.83
N GLU A 204 -0.11 -20.85 11.76
CA GLU A 204 0.52 -21.64 10.71
C GLU A 204 1.46 -20.75 9.90
N LYS A 214 7.34 -14.06 2.99
CA LYS A 214 6.79 -12.90 3.67
C LYS A 214 5.60 -12.34 2.91
N ASP A 215 5.08 -13.13 1.96
CA ASP A 215 3.98 -12.67 1.13
C ASP A 215 2.74 -12.44 1.98
N SER A 216 2.31 -13.46 2.72
CA SER A 216 1.08 -13.37 3.50
C SER A 216 1.14 -12.28 4.55
N THR A 217 2.34 -11.90 5.01
CA THR A 217 2.44 -10.86 6.03
C THR A 217 1.93 -9.53 5.52
N LEU A 218 2.19 -9.20 4.24
CA LEU A 218 1.69 -7.96 3.69
C LEU A 218 0.19 -7.88 3.82
N ILE A 219 -0.50 -8.90 3.32
CA ILE A 219 -1.95 -8.95 3.40
C ILE A 219 -2.40 -8.97 4.86
N MET A 220 -1.62 -9.57 5.74
CA MET A 220 -2.00 -9.58 7.15
C MET A 220 -1.91 -8.19 7.75
N GLN A 221 -0.83 -7.46 7.44
CA GLN A 221 -0.72 -6.08 7.88
C GLN A 221 -1.88 -5.26 7.37
N LEU A 222 -2.25 -5.41 6.08
CA LEU A 222 -3.40 -4.69 5.57
C LEU A 222 -4.65 -5.02 6.38
N LEU A 223 -4.85 -6.30 6.68
CA LEU A 223 -5.99 -6.70 7.52
C LEU A 223 -5.97 -5.98 8.85
N ARG A 224 -4.80 -5.88 9.49
CA ARG A 224 -4.71 -5.20 10.79
C ARG A 224 -5.01 -3.72 10.65
N ASP A 225 -4.30 -3.04 9.75
CA ASP A 225 -4.55 -1.62 9.53
C ASP A 225 -6.04 -1.34 9.36
N ASN A 226 -6.73 -2.17 8.57
CA ASN A 226 -8.17 -1.99 8.41
C ASN A 226 -8.91 -2.16 9.74
N LEU A 227 -8.57 -3.20 10.52
CA LEU A 227 -9.24 -3.39 11.80
C LEU A 227 -9.04 -2.19 12.72
N THR A 228 -7.82 -1.63 12.74
CA THR A 228 -7.53 -0.47 13.58
C THR A 228 -8.35 0.73 13.15
N LEU A 229 -8.39 1.00 11.84
CA LEU A 229 -9.17 2.13 11.33
C LEU A 229 -10.66 1.97 11.59
N TRP A 230 -11.16 0.74 11.62
CA TRP A 230 -12.60 0.51 11.80
C TRP A 230 -13.04 0.55 13.25
N THR A 231 -12.13 0.79 14.20
CA THR A 231 -12.46 0.79 15.64
C THR A 231 -12.03 2.08 16.40
N MET B 3 31.19 -5.24 18.50
CA MET B 3 31.14 -6.51 17.78
C MET B 3 31.65 -6.37 16.34
N ASP B 4 31.36 -7.40 15.53
CA ASP B 4 31.84 -7.51 14.17
C ASP B 4 30.66 -7.33 13.23
N LYS B 5 30.84 -6.51 12.18
CA LYS B 5 29.73 -6.07 11.35
C LYS B 5 29.01 -7.24 10.67
N ASN B 6 29.72 -8.34 10.37
CA ASN B 6 29.09 -9.47 9.70
C ASN B 6 28.15 -10.22 10.66
N GLU B 7 28.62 -10.53 11.87
CA GLU B 7 27.74 -11.08 12.89
C GLU B 7 26.55 -10.16 13.14
N LEU B 8 26.81 -8.85 13.32
CA LEU B 8 25.74 -7.91 13.64
C LEU B 8 24.66 -7.86 12.56
N VAL B 9 25.08 -7.74 11.29
CA VAL B 9 24.12 -7.78 10.18
C VAL B 9 23.36 -9.11 10.19
N GLN B 10 24.08 -10.22 10.34
CA GLN B 10 23.45 -11.52 10.44
C GLN B 10 22.29 -11.52 11.44
N LYS B 11 22.62 -11.29 12.72
CA LYS B 11 21.61 -11.26 13.77
C LYS B 11 20.54 -10.23 13.51
N ALA B 12 20.86 -9.16 12.78
CA ALA B 12 19.80 -8.27 12.34
C ALA B 12 18.81 -9.01 11.45
N LYS B 13 19.32 -9.87 10.55
CA LYS B 13 18.45 -10.59 9.62
C LYS B 13 17.60 -11.63 10.36
N LEU B 14 18.20 -12.31 11.33
CA LEU B 14 17.45 -13.22 12.17
C LEU B 14 16.34 -12.48 12.93
N ALA B 15 16.73 -11.43 13.66
CA ALA B 15 15.75 -10.63 14.40
C ALA B 15 14.61 -10.15 13.50
N GLU B 16 14.93 -9.66 12.30
CA GLU B 16 13.86 -9.32 11.37
C GLU B 16 12.94 -10.52 11.13
N GLN B 17 13.51 -11.71 11.00
CA GLN B 17 12.65 -12.87 10.77
C GLN B 17 11.78 -13.17 11.99
N ALA B 18 12.32 -12.97 13.20
CA ALA B 18 11.62 -13.32 14.44
C ALA B 18 10.83 -12.16 15.04
N GLU B 19 10.56 -11.10 14.28
CA GLU B 19 9.74 -9.96 14.71
C GLU B 19 10.30 -9.24 15.94
N ARG B 20 11.57 -9.46 16.28
CA ARG B 20 12.20 -8.76 17.39
C ARG B 20 12.87 -7.49 16.86
N TYR B 21 12.05 -6.44 16.73
CA TYR B 21 12.53 -5.26 16.02
C TYR B 21 13.41 -4.36 16.89
N ASP B 22 13.22 -4.38 18.21
CA ASP B 22 14.15 -3.70 19.11
C ASP B 22 15.55 -4.31 18.99
N ASP B 23 15.62 -5.63 18.94
CA ASP B 23 16.90 -6.33 18.74
C ASP B 23 17.53 -5.93 17.42
N MET B 24 16.77 -6.07 16.33
CA MET B 24 17.27 -5.78 14.99
C MET B 24 17.84 -4.37 14.90
N ALA B 25 17.11 -3.39 15.44
CA ALA B 25 17.57 -2.00 15.44
C ALA B 25 18.80 -1.81 16.31
N ALA B 26 18.95 -2.58 17.39
CA ALA B 26 20.17 -2.51 18.16
C ALA B 26 21.38 -2.94 17.32
N CYS B 27 21.26 -4.08 16.64
CA CYS B 27 22.31 -4.51 15.71
C CYS B 27 22.63 -3.44 14.68
N MET B 28 21.65 -3.09 13.85
CA MET B 28 21.92 -2.10 12.80
C MET B 28 22.45 -0.80 13.36
N LYS B 29 22.06 -0.46 14.60
CA LYS B 29 22.61 0.74 15.25
C LYS B 29 24.11 0.58 15.45
N SER B 30 24.55 -0.52 16.06
CA SER B 30 25.99 -0.74 16.23
C SER B 30 26.71 -0.68 14.89
N VAL B 31 26.20 -1.42 13.90
CA VAL B 31 26.75 -1.38 12.55
C VAL B 31 27.01 0.05 12.13
N THR B 32 25.97 0.90 12.24
CA THR B 32 26.14 2.30 11.87
C THR B 32 27.20 2.98 12.72
N GLU B 33 27.34 2.56 13.97
CA GLU B 33 28.24 3.26 14.89
C GLU B 33 29.70 2.89 14.68
N GLN B 34 29.98 1.84 13.91
CA GLN B 34 31.37 1.60 13.50
C GLN B 34 31.88 2.62 12.48
N GLY B 35 31.08 3.61 12.09
CA GLY B 35 31.53 4.73 11.29
C GLY B 35 31.67 4.50 9.79
N ALA B 36 31.84 3.26 9.34
CA ALA B 36 31.96 3.02 7.90
C ALA B 36 30.63 3.22 7.18
N GLU B 37 30.70 3.70 5.94
CA GLU B 37 29.51 4.02 5.17
C GLU B 37 28.69 2.75 4.90
N LEU B 38 27.37 2.92 4.90
CA LEU B 38 26.45 1.79 4.86
C LEU B 38 26.17 1.36 3.43
N SER B 39 26.37 0.07 3.16
CA SER B 39 25.92 -0.52 1.89
C SER B 39 24.40 -0.40 1.77
N ASN B 40 23.88 -0.79 0.59
CA ASN B 40 22.45 -0.65 0.34
C ASN B 40 21.62 -1.57 1.23
N GLU B 41 22.06 -2.83 1.38
CA GLU B 41 21.40 -3.77 2.27
C GLU B 41 21.32 -3.23 3.69
N GLU B 42 22.49 -3.03 4.33
CA GLU B 42 22.57 -2.55 5.71
C GLU B 42 21.75 -1.28 5.91
N ARG B 43 21.80 -0.37 4.95
CA ARG B 43 20.99 0.83 5.05
C ARG B 43 19.52 0.48 5.16
N ASN B 44 19.03 -0.42 4.28
CA ASN B 44 17.60 -0.71 4.27
C ASN B 44 17.18 -1.52 5.50
N LEU B 45 18.06 -2.36 6.04
CA LEU B 45 17.73 -3.05 7.30
C LEU B 45 17.73 -2.10 8.48
N LEU B 46 18.63 -1.11 8.48
CA LEU B 46 18.55 -0.07 9.49
C LEU B 46 17.21 0.68 9.40
N SER B 47 16.79 0.97 8.17
CA SER B 47 15.56 1.72 7.96
C SER B 47 14.33 0.92 8.41
N VAL B 48 14.24 -0.35 7.99
CA VAL B 48 13.14 -1.21 8.42
C VAL B 48 13.12 -1.31 9.94
N ALA B 49 14.28 -1.57 10.53
CA ALA B 49 14.35 -1.75 11.98
C ALA B 49 13.75 -0.55 12.70
N TYR B 50 14.29 0.65 12.45
CA TYR B 50 13.79 1.78 13.24
C TYR B 50 12.35 2.16 12.85
N LYS B 51 11.94 1.88 11.61
CA LYS B 51 10.56 2.20 11.25
C LYS B 51 9.56 1.30 11.99
N ASN B 52 9.91 0.02 12.19
CA ASN B 52 9.03 -0.84 12.96
C ASN B 52 9.08 -0.50 14.45
N VAL B 53 10.28 -0.19 14.96
CA VAL B 53 10.41 0.21 16.37
C VAL B 53 9.54 1.43 16.66
N VAL B 54 9.74 2.51 15.91
CA VAL B 54 8.96 3.72 16.17
C VAL B 54 7.50 3.51 15.82
N GLY B 55 7.21 2.60 14.87
CA GLY B 55 5.84 2.35 14.49
C GLY B 55 4.99 1.79 15.61
N ALA B 56 5.54 0.84 16.39
CA ALA B 56 4.77 0.31 17.52
C ALA B 56 4.33 1.42 18.47
N ARG B 57 5.19 2.43 18.66
CA ARG B 57 4.89 3.49 19.63
C ARG B 57 3.95 4.51 19.05
N ARG B 58 4.04 4.77 17.75
CA ARG B 58 3.03 5.60 17.10
C ARG B 58 1.64 4.97 17.26
N SER B 59 1.54 3.67 16.99
CA SER B 59 0.27 2.95 17.09
C SER B 59 -0.30 2.99 18.50
N SER B 60 0.52 2.60 19.50
CA SER B 60 0.10 2.71 20.89
C SER B 60 -0.33 4.14 21.23
N TRP B 61 0.49 5.13 20.86
CA TRP B 61 0.15 6.51 21.19
C TRP B 61 -1.24 6.85 20.67
N ARG B 62 -1.46 6.67 19.37
CA ARG B 62 -2.76 7.02 18.80
C ARG B 62 -3.91 6.39 19.58
N VAL B 63 -3.80 5.08 19.88
CA VAL B 63 -4.88 4.40 20.61
C VAL B 63 -5.12 5.07 21.96
N VAL B 64 -4.06 5.27 22.75
CA VAL B 64 -4.24 5.76 24.10
C VAL B 64 -4.74 7.20 24.09
N SER B 65 -4.18 8.05 23.23
CA SER B 65 -4.65 9.44 23.10
C SER B 65 -6.14 9.49 22.76
N SER B 66 -6.60 8.62 21.87
CA SER B 66 -8.03 8.58 21.62
C SER B 66 -8.80 8.15 22.87
N ILE B 67 -8.25 7.22 23.65
CA ILE B 67 -8.94 6.79 24.87
C ILE B 67 -9.03 7.94 25.88
N GLU B 68 -7.95 8.70 26.02
CA GLU B 68 -7.93 9.82 26.95
C GLU B 68 -8.87 10.94 26.50
N GLN B 69 -8.85 11.28 25.20
CA GLN B 69 -9.75 12.32 24.71
C GLN B 69 -11.21 11.95 25.03
N LYS B 70 -11.67 10.82 24.52
CA LYS B 70 -13.05 10.36 24.79
C LYS B 70 -13.10 9.70 26.17
N THR B 71 -13.00 10.54 27.20
CA THR B 71 -13.03 10.05 28.60
C THR B 71 -13.85 10.96 29.52
N LYS B 77 -10.00 7.99 35.31
CA LYS B 77 -9.63 7.18 34.16
C LYS B 77 -8.93 8.03 33.10
N GLN B 78 -9.38 9.28 32.94
CA GLN B 78 -8.63 10.23 32.13
C GLN B 78 -7.23 10.42 32.69
N GLN B 79 -7.10 10.34 34.02
CA GLN B 79 -5.80 10.51 34.67
C GLN B 79 -4.82 9.45 34.16
N MET B 80 -5.13 8.17 34.43
CA MET B 80 -4.28 7.06 34.00
C MET B 80 -3.91 7.16 32.53
N ALA B 81 -4.87 7.58 31.70
CA ALA B 81 -4.62 7.65 30.27
C ALA B 81 -3.67 8.79 29.94
N ARG B 82 -3.79 9.93 30.61
CA ARG B 82 -2.83 11.02 30.42
C ARG B 82 -1.42 10.56 30.80
N GLU B 83 -1.29 9.91 31.96
CA GLU B 83 0.02 9.41 32.39
C GLU B 83 0.59 8.43 31.36
N TYR B 84 -0.22 7.46 30.92
CA TYR B 84 0.23 6.45 29.97
C TYR B 84 0.64 7.08 28.65
N ARG B 85 -0.16 7.99 28.15
CA ARG B 85 0.18 8.74 26.94
C ARG B 85 1.56 9.36 27.07
N GLU B 86 1.79 10.07 28.19
CA GLU B 86 3.09 10.72 28.38
C GLU B 86 4.25 9.71 28.37
N LYS B 87 4.05 8.54 28.98
CA LYS B 87 5.08 7.50 28.91
C LYS B 87 5.39 7.11 27.46
N ILE B 88 4.34 6.84 26.67
CA ILE B 88 4.61 6.44 25.29
C ILE B 88 5.23 7.59 24.51
N GLU B 89 4.78 8.82 24.74
CA GLU B 89 5.44 9.99 24.16
C GLU B 89 6.94 9.97 24.44
N THR B 90 7.32 9.59 25.67
CA THR B 90 8.72 9.60 26.05
C THR B 90 9.50 8.55 25.27
N GLU B 91 9.03 7.29 25.28
CA GLU B 91 9.71 6.26 24.48
C GLU B 91 9.86 6.69 23.02
N LEU B 92 8.78 7.21 22.44
CA LEU B 92 8.80 7.65 21.04
C LEU B 92 9.88 8.69 20.81
N ARG B 93 9.90 9.73 21.65
CA ARG B 93 10.93 10.75 21.54
C ARG B 93 12.31 10.12 21.56
N ASP B 94 12.57 9.26 22.54
CA ASP B 94 13.89 8.63 22.67
C ASP B 94 14.30 7.91 21.38
N ILE B 95 13.39 7.14 20.79
CA ILE B 95 13.70 6.45 19.54
C ILE B 95 14.00 7.45 18.42
N CYS B 96 13.20 8.51 18.32
CA CYS B 96 13.41 9.50 17.26
C CYS B 96 14.78 10.15 17.38
N ASN B 97 15.14 10.58 18.59
CA ASN B 97 16.41 11.26 18.77
C ASN B 97 17.57 10.34 18.51
N ASP B 98 17.46 9.07 18.91
CA ASP B 98 18.47 8.09 18.54
C ASP B 98 18.68 8.09 17.03
N VAL B 99 17.59 7.88 16.27
CA VAL B 99 17.69 7.84 14.82
C VAL B 99 18.33 9.12 14.29
N LEU B 100 17.80 10.26 14.73
CA LEU B 100 18.25 11.56 14.20
C LEU B 100 19.73 11.77 14.47
N SER B 101 20.17 11.43 15.68
CA SER B 101 21.58 11.51 15.99
C SER B 101 22.39 10.64 15.02
N LEU B 102 21.93 9.41 14.76
CA LEU B 102 22.64 8.57 13.79
C LEU B 102 22.75 9.27 12.44
N LEU B 103 21.66 9.94 12.00
CA LEU B 103 21.71 10.66 10.74
C LEU B 103 22.74 11.79 10.79
N GLU B 104 22.71 12.56 11.86
CA GLU B 104 23.53 13.76 11.95
C GLU B 104 25.00 13.43 12.18
N LYS B 105 25.30 12.27 12.76
CA LYS B 105 26.64 11.89 13.18
C LYS B 105 27.38 11.02 12.15
N PHE B 106 26.70 10.05 11.56
CA PHE B 106 27.33 9.11 10.62
C PHE B 106 26.72 9.15 9.22
N LEU B 107 25.39 9.13 9.12
CA LEU B 107 24.76 8.83 7.83
C LEU B 107 24.95 9.96 6.84
N ILE B 108 24.42 11.14 7.14
CA ILE B 108 24.50 12.26 6.20
C ILE B 108 25.94 12.67 5.89
N PRO B 109 26.84 12.82 6.87
CA PRO B 109 28.24 13.14 6.52
C PRO B 109 28.92 12.10 5.63
N ASN B 110 28.88 10.82 5.99
CA ASN B 110 29.53 9.81 5.14
C ASN B 110 28.60 9.34 4.03
N ALA B 111 27.99 10.28 3.30
CA ALA B 111 26.99 9.97 2.27
C ALA B 111 27.49 10.48 0.91
N SER B 112 28.12 9.59 0.13
CA SER B 112 28.88 10.04 -1.02
C SER B 112 27.98 10.44 -2.20
N GLN B 113 27.24 9.49 -2.74
CA GLN B 113 26.38 9.73 -3.90
C GLN B 113 25.06 10.36 -3.48
N ALA B 114 24.41 11.03 -4.45
CA ALA B 114 23.17 11.74 -4.16
C ALA B 114 22.04 10.81 -3.74
N GLU B 115 22.05 9.56 -4.23
CA GLU B 115 20.98 8.61 -3.89
C GLU B 115 20.91 8.38 -2.39
N SER B 116 22.08 8.20 -1.76
CA SER B 116 22.11 8.11 -0.31
C SER B 116 21.74 9.43 0.36
N LYS B 117 22.28 10.54 -0.14
CA LYS B 117 22.00 11.83 0.49
C LYS B 117 20.50 12.11 0.53
N VAL B 118 19.80 11.74 -0.55
CA VAL B 118 18.33 11.82 -0.57
C VAL B 118 17.75 10.85 0.45
N PHE B 119 18.17 9.58 0.41
CA PHE B 119 17.62 8.60 1.34
C PHE B 119 17.68 9.11 2.80
N TYR B 120 18.83 9.68 3.20
CA TYR B 120 19.04 10.06 4.61
C TYR B 120 18.41 11.40 4.97
N LEU B 121 18.37 12.34 4.03
CA LEU B 121 17.63 13.57 4.33
C LEU B 121 16.13 13.29 4.40
N LYS B 122 15.64 12.32 3.63
CA LYS B 122 14.25 11.92 3.73
C LYS B 122 13.97 11.21 5.06
N MET B 123 14.88 10.34 5.50
CA MET B 123 14.74 9.73 6.82
C MET B 123 14.72 10.78 7.93
N LYS B 124 15.56 11.81 7.80
CA LYS B 124 15.54 12.92 8.75
C LYS B 124 14.18 13.62 8.73
N GLY B 125 13.62 13.81 7.52
CA GLY B 125 12.28 14.37 7.42
C GLY B 125 11.24 13.52 8.12
N ASP B 126 11.29 12.21 7.91
CA ASP B 126 10.32 11.33 8.53
C ASP B 126 10.41 11.43 10.05
N TYR B 127 11.62 11.42 10.59
CA TYR B 127 11.69 11.29 12.05
C TYR B 127 11.44 12.62 12.73
N TYR B 128 11.80 13.73 12.09
CA TYR B 128 11.31 14.99 12.62
C TYR B 128 9.80 15.07 12.50
N ARG B 129 9.24 14.47 11.45
CA ARG B 129 7.79 14.46 11.29
C ARG B 129 7.12 13.66 12.39
N TYR B 130 7.69 12.49 12.73
CA TYR B 130 7.14 11.71 13.83
C TYR B 130 7.26 12.48 15.13
N LEU B 131 8.33 13.26 15.27
CA LEU B 131 8.42 14.16 16.42
C LEU B 131 7.27 15.15 16.40
N ALA B 132 6.96 15.69 15.21
CA ALA B 132 5.89 16.67 15.09
C ALA B 132 4.55 16.10 15.52
N GLU B 133 4.24 14.86 15.09
CA GLU B 133 2.91 14.27 15.30
C GLU B 133 2.47 14.32 16.76
N VAL B 134 3.42 14.60 17.66
CA VAL B 134 3.22 14.36 19.08
C VAL B 134 3.77 15.50 19.93
N ALA B 135 4.19 16.59 19.29
CA ALA B 135 4.80 17.77 19.97
C ALA B 135 4.10 18.19 21.26
N LYS B 140 7.27 22.74 20.44
CA LYS B 140 8.17 23.41 19.51
C LYS B 140 7.64 23.41 18.05
N LYS B 141 7.93 24.49 17.32
CA LYS B 141 7.55 24.62 15.92
C LYS B 141 8.73 24.63 14.96
N GLY B 142 9.96 24.69 15.45
CA GLY B 142 11.10 24.40 14.60
C GLY B 142 11.26 22.92 14.31
N ILE B 143 10.45 22.07 14.95
CA ILE B 143 10.38 20.66 14.60
C ILE B 143 9.81 20.50 13.20
N VAL B 144 8.66 21.14 12.95
CA VAL B 144 8.11 21.18 11.60
C VAL B 144 9.12 21.80 10.64
N ASP B 145 9.89 22.79 11.10
CA ASP B 145 10.87 23.40 10.22
C ASP B 145 12.02 22.45 9.90
N GLN B 146 12.42 21.62 10.87
CA GLN B 146 13.47 20.64 10.64
C GLN B 146 13.01 19.60 9.62
N SER B 147 11.80 19.09 9.81
CA SER B 147 11.22 18.19 8.82
C SER B 147 11.20 18.86 7.45
N GLN B 148 10.47 19.97 7.34
CA GLN B 148 10.33 20.66 6.06
C GLN B 148 11.66 20.94 5.41
N GLN B 149 12.69 21.26 6.22
CA GLN B 149 14.00 21.64 5.69
C GLN B 149 14.75 20.42 5.16
N ALA B 150 14.75 19.30 5.92
CA ALA B 150 15.37 18.08 5.41
C ALA B 150 14.67 17.58 4.15
N TYR B 151 13.33 17.40 4.24
CA TYR B 151 12.52 17.02 3.09
C TYR B 151 12.81 17.91 1.89
N GLN B 152 12.96 19.22 2.14
CA GLN B 152 13.21 20.17 1.07
C GLN B 152 14.56 19.90 0.42
N GLU B 153 15.62 19.82 1.23
CA GLU B 153 16.96 19.62 0.67
C GLU B 153 17.01 18.33 -0.16
N ALA B 154 16.46 17.24 0.38
CA ALA B 154 16.40 16.00 -0.37
C ALA B 154 15.67 16.21 -1.69
N PHE B 155 14.55 16.94 -1.64
CA PHE B 155 13.75 17.15 -2.84
C PHE B 155 14.57 17.85 -3.93
N GLU B 156 15.24 18.95 -3.58
CA GLU B 156 16.06 19.66 -4.57
C GLU B 156 17.14 18.76 -5.14
N ILE B 157 17.88 18.09 -4.26
CA ILE B 157 18.97 17.23 -4.75
C ILE B 157 18.41 16.19 -5.71
N SER B 158 17.26 15.58 -5.36
CA SER B 158 16.71 14.50 -6.17
C SER B 158 16.24 15.01 -7.53
N LYS B 159 15.62 16.19 -7.56
CA LYS B 159 15.28 16.80 -8.84
C LYS B 159 16.52 17.02 -9.69
N LYS B 160 17.65 17.38 -9.06
CA LYS B 160 18.83 17.67 -9.87
C LYS B 160 19.56 16.41 -10.30
N GLU B 161 19.59 15.38 -9.45
CA GLU B 161 20.56 14.31 -9.58
C GLU B 161 19.98 12.92 -9.88
N MET B 162 18.69 12.69 -9.70
CA MET B 162 18.13 11.39 -10.03
C MET B 162 16.88 11.55 -10.89
N GLN B 163 16.61 10.50 -11.71
CA GLN B 163 15.56 10.54 -12.72
C GLN B 163 14.19 10.31 -12.07
N PRO B 164 13.14 10.90 -12.64
CA PRO B 164 11.84 10.96 -11.92
C PRO B 164 11.19 9.61 -11.64
N THR B 165 11.71 8.52 -12.19
CA THR B 165 11.19 7.18 -11.95
C THR B 165 11.95 6.43 -10.87
N HIS B 166 12.95 7.07 -10.26
CA HIS B 166 13.78 6.36 -9.29
C HIS B 166 12.98 6.08 -8.02
N PRO B 167 13.00 4.84 -7.50
CA PRO B 167 12.15 4.51 -6.34
C PRO B 167 12.37 5.40 -5.13
N ILE B 168 13.61 5.81 -4.88
CA ILE B 168 13.88 6.67 -3.73
C ILE B 168 13.26 8.05 -3.95
N ARG B 169 13.48 8.64 -5.13
CA ARG B 169 12.87 9.93 -5.43
C ARG B 169 11.35 9.88 -5.29
N LEU B 170 10.75 8.75 -5.66
CA LEU B 170 9.30 8.60 -5.54
C LEU B 170 8.88 8.46 -4.07
N GLY B 171 9.69 7.76 -3.27
CA GLY B 171 9.37 7.66 -1.85
C GLY B 171 9.42 9.00 -1.16
N LEU B 172 10.50 9.75 -1.40
CA LEU B 172 10.60 11.13 -0.92
C LEU B 172 9.36 11.92 -1.33
N ALA B 173 9.00 11.85 -2.61
CA ALA B 173 7.79 12.54 -3.08
C ALA B 173 6.58 12.17 -2.25
N LEU B 174 6.35 10.86 -2.07
CA LEU B 174 5.19 10.42 -1.30
C LEU B 174 5.19 11.08 0.08
N ASN B 175 6.24 10.79 0.87
CA ASN B 175 6.24 11.19 2.28
C ASN B 175 6.19 12.70 2.43
N PHE B 176 6.89 13.43 1.56
CA PHE B 176 6.81 14.89 1.58
C PHE B 176 5.38 15.37 1.36
N SER B 177 4.69 14.77 0.37
CA SER B 177 3.29 15.12 0.15
C SER B 177 2.45 14.81 1.38
N VAL B 178 2.74 13.68 2.06
CA VAL B 178 2.01 13.34 3.29
C VAL B 178 2.30 14.37 4.38
N PHE B 179 3.54 14.82 4.48
CA PHE B 179 3.89 15.88 5.42
C PHE B 179 3.02 17.10 5.18
N TYR B 180 2.91 17.52 3.93
CA TYR B 180 2.07 18.67 3.65
C TYR B 180 0.62 18.41 4.07
N TYR B 181 0.07 17.25 3.68
CA TYR B 181 -1.33 16.96 3.98
C TYR B 181 -1.62 16.91 5.48
N GLU B 182 -0.70 16.37 6.28
CA GLU B 182 -1.03 15.94 7.63
C GLU B 182 -0.46 16.82 8.74
N ILE B 183 0.64 17.52 8.51
CA ILE B 183 1.22 18.40 9.51
C ILE B 183 1.01 19.86 9.14
N LEU B 184 1.07 20.17 7.84
CA LEU B 184 0.82 21.53 7.38
C LEU B 184 -0.64 21.78 7.03
N ASN B 185 -1.49 20.75 7.14
CA ASN B 185 -2.92 20.79 6.81
C ASN B 185 -3.17 21.59 5.54
N SER B 186 -2.32 21.35 4.53
CA SER B 186 -2.32 22.06 3.26
C SER B 186 -2.58 21.04 2.16
N PRO B 187 -3.85 20.70 1.92
CA PRO B 187 -4.16 19.65 0.93
C PRO B 187 -3.80 20.05 -0.50
N GLU B 188 -3.81 21.34 -0.82
CA GLU B 188 -3.49 21.83 -2.16
C GLU B 188 -2.08 21.47 -2.59
N LYS B 189 -1.06 22.03 -1.90
CA LYS B 189 0.33 21.72 -2.25
C LYS B 189 0.61 20.22 -2.17
N ALA B 190 -0.04 19.52 -1.23
CA ALA B 190 0.15 18.08 -1.12
C ALA B 190 -0.25 17.38 -2.42
N CYS B 191 -1.48 17.60 -2.88
CA CYS B 191 -1.92 17.01 -4.14
C CYS B 191 -1.04 17.43 -5.30
N SER B 192 -0.68 18.71 -5.36
CA SER B 192 0.13 19.20 -6.48
C SER B 192 1.46 18.46 -6.55
N LEU B 193 2.17 18.40 -5.42
CA LEU B 193 3.44 17.69 -5.33
C LEU B 193 3.29 16.23 -5.79
N ALA B 194 2.30 15.53 -5.22
CA ALA B 194 2.11 14.12 -5.56
C ALA B 194 1.84 13.94 -7.06
N LYS B 195 1.00 14.80 -7.64
CA LYS B 195 0.65 14.62 -9.03
C LYS B 195 1.84 14.92 -9.93
N THR B 196 2.69 15.89 -9.55
CA THR B 196 3.84 16.17 -10.39
C THR B 196 4.81 14.99 -10.38
N ALA B 197 5.11 14.46 -9.19
CA ALA B 197 5.96 13.28 -9.11
C ALA B 197 5.43 12.15 -9.99
N PHE B 198 4.12 11.86 -9.86
CA PHE B 198 3.53 10.78 -10.64
C PHE B 198 3.63 11.05 -12.14
N ASP B 199 3.21 12.24 -12.57
CA ASP B 199 3.13 12.54 -14.00
C ASP B 199 4.53 12.49 -14.63
N GLU B 200 5.54 12.99 -13.92
CA GLU B 200 6.91 12.94 -14.44
C GLU B 200 7.40 11.50 -14.57
N ALA B 201 7.16 10.70 -13.53
CA ALA B 201 7.54 9.29 -13.59
C ALA B 201 6.95 8.65 -14.85
N ILE B 202 5.61 8.71 -14.98
CA ILE B 202 4.94 8.10 -16.12
C ILE B 202 5.52 8.63 -17.44
N ALA B 203 5.86 9.93 -17.49
CA ALA B 203 6.46 10.49 -18.70
C ALA B 203 7.79 9.83 -19.03
N GLU B 204 8.51 9.35 -18.02
CA GLU B 204 9.84 8.81 -18.28
C GLU B 204 9.92 7.30 -17.99
N LEU B 205 8.83 6.58 -18.24
CA LEU B 205 8.88 5.15 -17.96
C LEU B 205 9.87 4.42 -18.85
N ASP B 206 10.42 5.10 -19.87
CA ASP B 206 11.29 4.45 -20.83
C ASP B 206 12.73 4.40 -20.36
N THR B 207 13.09 5.28 -19.42
CA THR B 207 14.38 5.22 -18.73
C THR B 207 14.34 4.34 -17.48
N LEU B 208 13.17 3.78 -17.14
CA LEU B 208 13.05 2.93 -15.96
C LEU B 208 13.69 1.58 -16.24
N SER B 209 14.57 1.15 -15.33
CA SER B 209 15.26 -0.13 -15.45
C SER B 209 14.36 -1.27 -14.98
N GLU B 210 14.47 -2.42 -15.65
CA GLU B 210 13.69 -3.58 -15.22
C GLU B 210 13.97 -3.91 -13.77
N GLU B 211 15.24 -3.82 -13.34
CA GLU B 211 15.65 -4.19 -11.99
C GLU B 211 14.94 -3.36 -10.91
N SER B 212 14.58 -2.11 -11.22
CA SER B 212 13.84 -1.27 -10.27
C SER B 212 12.39 -1.05 -10.67
N TYR B 213 11.85 -1.82 -11.63
CA TYR B 213 10.48 -1.60 -12.09
C TYR B 213 9.46 -1.90 -10.98
N LYS B 214 9.55 -3.10 -10.37
CA LYS B 214 8.57 -3.50 -9.35
C LYS B 214 8.49 -2.47 -8.23
N ASP B 215 9.65 -2.04 -7.70
CA ASP B 215 9.62 -1.08 -6.61
C ASP B 215 9.08 0.28 -7.07
N SER B 216 9.29 0.63 -8.34
CA SER B 216 8.99 2.01 -8.78
C SER B 216 7.49 2.19 -9.05
N THR B 217 6.95 1.36 -9.96
CA THR B 217 5.52 1.41 -10.29
C THR B 217 4.66 1.32 -9.03
N LEU B 218 5.08 0.47 -8.09
CA LEU B 218 4.43 0.34 -6.78
C LEU B 218 4.31 1.70 -6.10
N ILE B 219 5.42 2.41 -5.93
CA ILE B 219 5.33 3.69 -5.22
C ILE B 219 4.40 4.61 -5.99
N MET B 220 4.40 4.50 -7.32
CA MET B 220 3.52 5.34 -8.12
C MET B 220 2.07 5.07 -7.74
N GLN B 221 1.70 3.79 -7.66
CA GLN B 221 0.36 3.42 -7.23
C GLN B 221 0.03 4.04 -5.87
N LEU B 222 1.01 4.04 -4.95
CA LEU B 222 0.75 4.62 -3.64
C LEU B 222 0.41 6.10 -3.76
N LEU B 223 1.21 6.83 -4.55
CA LEU B 223 0.86 8.20 -4.87
C LEU B 223 -0.56 8.27 -5.42
N ARG B 224 -0.86 7.42 -6.40
CA ARG B 224 -2.21 7.36 -6.95
C ARG B 224 -3.24 7.17 -5.84
N ASP B 225 -3.02 6.19 -4.95
CA ASP B 225 -3.98 5.89 -3.90
C ASP B 225 -4.27 7.13 -3.07
N ASN B 226 -3.26 7.95 -2.83
CA ASN B 226 -3.52 9.10 -1.97
C ASN B 226 -4.22 10.19 -2.76
N LEU B 227 -3.82 10.39 -4.01
CA LEU B 227 -4.44 11.44 -4.82
C LEU B 227 -5.95 11.25 -4.87
N THR B 228 -6.40 10.03 -5.21
CA THR B 228 -7.82 9.74 -5.23
C THR B 228 -8.45 10.04 -3.87
N LEU B 229 -7.86 9.51 -2.80
CA LEU B 229 -8.38 9.78 -1.46
C LEU B 229 -8.47 11.29 -1.20
N TRP B 230 -7.44 12.03 -1.63
CA TRP B 230 -7.42 13.46 -1.35
C TRP B 230 -8.33 14.24 -2.27
N THR B 231 -8.71 13.67 -3.41
CA THR B 231 -9.61 14.34 -4.34
C THR B 231 -11.02 13.76 -4.33
N SER B 232 -11.25 12.65 -3.61
CA SER B 232 -12.58 12.03 -3.54
C SER B 232 -13.38 12.56 -2.32
N MET C 3 -25.55 21.35 -25.86
CA MET C 3 -24.11 21.34 -26.19
C MET C 3 -23.56 22.77 -26.24
N ASP C 4 -24.08 23.65 -25.39
CA ASP C 4 -23.62 25.03 -25.44
C ASP C 4 -22.14 25.15 -25.02
N LYS C 5 -21.47 26.16 -25.57
CA LYS C 5 -20.06 26.46 -25.32
C LYS C 5 -19.68 26.27 -23.86
N ASN C 6 -20.56 26.71 -22.96
CA ASN C 6 -20.20 26.74 -21.55
C ASN C 6 -20.54 25.45 -20.83
N GLU C 7 -21.61 24.75 -21.24
CA GLU C 7 -21.78 23.35 -20.86
C GLU C 7 -20.52 22.55 -21.17
N LEU C 8 -20.07 22.61 -22.44
CA LEU C 8 -18.91 21.86 -22.87
C LEU C 8 -17.66 22.27 -22.12
N VAL C 9 -17.50 23.56 -21.84
CA VAL C 9 -16.33 23.99 -21.07
C VAL C 9 -16.38 23.40 -19.67
N GLN C 10 -17.59 23.31 -19.09
CA GLN C 10 -17.70 22.76 -17.74
C GLN C 10 -17.50 21.24 -17.72
N LYS C 11 -18.08 20.51 -18.69
CA LYS C 11 -17.81 19.07 -18.74
C LYS C 11 -16.34 18.83 -19.04
N ALA C 12 -15.72 19.69 -19.85
CA ALA C 12 -14.28 19.62 -20.05
C ALA C 12 -13.52 19.76 -18.73
N LYS C 13 -13.86 20.76 -17.91
CA LYS C 13 -13.18 20.91 -16.62
C LYS C 13 -13.40 19.69 -15.71
N LEU C 14 -14.61 19.12 -15.74
CA LEU C 14 -14.86 17.88 -15.00
C LEU C 14 -13.98 16.74 -15.52
N ALA C 15 -13.90 16.59 -16.84
CA ALA C 15 -13.08 15.56 -17.43
C ALA C 15 -11.63 15.70 -16.99
N GLU C 16 -11.10 16.94 -16.98
CA GLU C 16 -9.75 17.15 -16.48
C GLU C 16 -9.61 16.65 -15.05
N GLN C 17 -10.50 17.08 -14.15
CA GLN C 17 -10.37 16.64 -12.76
C GLN C 17 -10.45 15.13 -12.65
N ALA C 18 -11.34 14.51 -13.43
CA ALA C 18 -11.46 13.06 -13.53
C ALA C 18 -10.27 12.37 -14.20
N GLU C 19 -9.38 13.12 -14.85
CA GLU C 19 -8.26 12.54 -15.60
C GLU C 19 -8.77 11.69 -16.77
N ARG C 20 -9.84 12.13 -17.40
CA ARG C 20 -10.31 11.51 -18.64
C ARG C 20 -10.06 12.50 -19.77
N TYR C 21 -8.83 12.47 -20.28
CA TYR C 21 -8.36 13.55 -21.15
C TYR C 21 -8.86 13.42 -22.58
N ASP C 22 -9.15 12.21 -23.05
CA ASP C 22 -9.78 12.08 -24.35
C ASP C 22 -11.13 12.79 -24.36
N ASP C 23 -11.87 12.63 -23.27
CA ASP C 23 -13.15 13.31 -23.09
C ASP C 23 -12.97 14.81 -23.16
N MET C 24 -12.11 15.33 -22.27
CA MET C 24 -11.84 16.75 -22.19
C MET C 24 -11.48 17.31 -23.56
N ALA C 25 -10.58 16.63 -24.28
CA ALA C 25 -10.22 17.07 -25.63
C ALA C 25 -11.41 17.04 -26.58
N ALA C 26 -12.26 16.02 -26.50
CA ALA C 26 -13.44 16.00 -27.38
C ALA C 26 -14.37 17.19 -27.09
N CYS C 27 -14.58 17.49 -25.80
CA CYS C 27 -15.33 18.68 -25.43
C CYS C 27 -14.74 19.93 -26.04
N MET C 28 -13.42 20.14 -25.83
CA MET C 28 -12.79 21.37 -26.29
C MET C 28 -12.75 21.44 -27.82
N LYS C 29 -12.65 20.28 -28.48
CA LYS C 29 -12.78 20.19 -29.94
C LYS C 29 -14.14 20.68 -30.41
N SER C 30 -15.20 20.22 -29.73
CA SER C 30 -16.55 20.68 -30.04
C SER C 30 -16.67 22.18 -29.89
N VAL C 31 -16.19 22.70 -28.75
CA VAL C 31 -16.14 24.14 -28.58
C VAL C 31 -15.51 24.79 -29.80
N THR C 32 -14.34 24.27 -30.21
CA THR C 32 -13.58 24.94 -31.25
C THR C 32 -14.33 24.91 -32.56
N GLU C 33 -14.92 23.76 -32.90
CA GLU C 33 -15.62 23.68 -34.16
C GLU C 33 -16.88 24.52 -34.18
N GLN C 34 -17.31 25.05 -33.03
CA GLN C 34 -18.50 25.89 -33.05
C GLN C 34 -18.32 27.20 -33.82
N GLY C 35 -17.09 27.55 -34.20
CA GLY C 35 -16.83 28.59 -35.18
C GLY C 35 -16.21 29.86 -34.62
N ALA C 36 -16.19 30.03 -33.31
CA ALA C 36 -15.87 31.32 -32.72
C ALA C 36 -14.50 31.29 -32.05
N GLU C 37 -13.95 32.50 -31.87
CA GLU C 37 -12.66 32.68 -31.22
C GLU C 37 -12.70 32.17 -29.78
N LEU C 38 -11.58 31.60 -29.34
CA LEU C 38 -11.50 30.96 -28.04
C LEU C 38 -11.01 31.95 -26.98
N SER C 39 -11.73 32.06 -25.87
CA SER C 39 -11.23 32.84 -24.75
C SER C 39 -9.91 32.27 -24.27
N ASN C 40 -9.21 33.00 -23.41
CA ASN C 40 -8.00 32.45 -22.84
C ASN C 40 -8.28 31.17 -22.07
N GLU C 41 -9.43 31.11 -21.40
CA GLU C 41 -9.84 29.93 -20.65
C GLU C 41 -9.95 28.73 -21.57
N GLU C 42 -10.76 28.87 -22.61
CA GLU C 42 -10.95 27.79 -23.55
C GLU C 42 -9.63 27.39 -24.19
N ARG C 43 -8.93 28.34 -24.80
CA ARG C 43 -7.63 28.11 -25.39
C ARG C 43 -6.74 27.25 -24.50
N ASN C 44 -6.64 27.61 -23.23
CA ASN C 44 -5.80 26.83 -22.34
C ASN C 44 -6.35 25.43 -22.08
N LEU C 45 -7.68 25.30 -21.96
CA LEU C 45 -8.27 23.99 -21.73
C LEU C 45 -8.03 23.06 -22.92
N LEU C 46 -8.19 23.59 -24.13
CA LEU C 46 -7.82 22.90 -25.36
C LEU C 46 -6.38 22.42 -25.30
N SER C 47 -5.46 23.35 -25.05
CA SER C 47 -4.05 23.00 -25.07
C SER C 47 -3.73 21.92 -24.04
N VAL C 48 -4.36 21.99 -22.86
CA VAL C 48 -4.07 21.02 -21.81
C VAL C 48 -4.60 19.65 -22.21
N ALA C 49 -5.84 19.62 -22.69
CA ALA C 49 -6.46 18.36 -23.08
C ALA C 49 -5.59 17.63 -24.10
N TYR C 50 -5.25 18.31 -25.20
CA TYR C 50 -4.50 17.61 -26.23
C TYR C 50 -3.07 17.33 -25.81
N LYS C 51 -2.46 18.17 -24.99
CA LYS C 51 -1.13 17.84 -24.51
C LYS C 51 -1.13 16.57 -23.65
N ASN C 52 -2.23 16.29 -22.95
CA ASN C 52 -2.28 15.05 -22.17
C ASN C 52 -2.61 13.85 -23.04
N VAL C 53 -3.59 14.02 -23.94
CA VAL C 53 -3.94 12.97 -24.89
C VAL C 53 -2.70 12.53 -25.66
N VAL C 54 -1.97 13.49 -26.24
CA VAL C 54 -0.80 13.13 -27.01
C VAL C 54 0.32 12.71 -26.08
N GLY C 55 0.37 13.27 -24.88
CA GLY C 55 1.46 12.94 -23.98
C GLY C 55 1.47 11.48 -23.60
N ALA C 56 0.28 10.91 -23.42
CA ALA C 56 0.21 9.49 -23.11
C ALA C 56 0.80 8.65 -24.25
N ARG C 57 0.46 8.97 -25.49
CA ARG C 57 0.99 8.21 -26.63
C ARG C 57 2.48 8.42 -26.79
N ARG C 58 2.95 9.65 -26.64
CA ARG C 58 4.38 9.91 -26.67
C ARG C 58 5.10 9.05 -25.66
N SER C 59 4.60 9.02 -24.41
CA SER C 59 5.30 8.23 -23.39
C SER C 59 5.25 6.74 -23.74
N SER C 60 4.07 6.23 -24.10
CA SER C 60 3.95 4.81 -24.43
C SER C 60 4.89 4.44 -25.58
N TRP C 61 4.86 5.26 -26.64
CA TRP C 61 5.77 5.11 -27.77
C TRP C 61 7.20 4.98 -27.31
N ARG C 62 7.64 5.87 -26.43
CA ARG C 62 9.00 5.80 -25.96
C ARG C 62 9.28 4.44 -25.31
N VAL C 63 8.38 4.00 -24.43
CA VAL C 63 8.61 2.74 -23.71
C VAL C 63 8.83 1.59 -24.71
N VAL C 64 7.95 1.51 -25.71
CA VAL C 64 7.95 0.39 -26.64
C VAL C 64 9.07 0.49 -27.66
N SER C 65 9.47 1.70 -28.05
CA SER C 65 10.66 1.84 -28.89
C SER C 65 11.89 1.31 -28.16
N SER C 66 12.09 1.75 -26.90
CA SER C 66 13.28 1.34 -26.18
C SER C 66 13.23 -0.13 -25.79
N ILE C 67 12.05 -0.74 -25.81
CA ILE C 67 12.01 -2.19 -25.71
C ILE C 67 12.45 -2.82 -27.02
N GLU C 68 11.91 -2.32 -28.14
CA GLU C 68 12.25 -2.79 -29.49
C GLU C 68 13.75 -2.67 -29.81
N GLN C 69 14.52 -1.95 -29.00
CA GLN C 69 15.95 -1.75 -29.24
C GLN C 69 16.80 -2.53 -28.25
N LYS C 70 16.34 -3.71 -27.84
CA LYS C 70 17.03 -4.44 -26.78
C LYS C 70 16.77 -5.95 -26.87
N GLU C 75 14.38 -12.54 -33.27
CA GLU C 75 13.37 -12.90 -32.27
C GLU C 75 11.97 -12.48 -32.75
N LYS C 76 10.94 -13.22 -32.31
CA LYS C 76 9.55 -12.83 -32.56
C LYS C 76 9.06 -11.77 -31.57
N LYS C 77 9.64 -11.70 -30.37
CA LYS C 77 9.31 -10.62 -29.46
C LYS C 77 9.60 -9.26 -30.09
N GLN C 78 10.74 -9.14 -30.79
CA GLN C 78 11.11 -7.89 -31.43
C GLN C 78 10.09 -7.47 -32.50
N GLN C 79 9.53 -8.45 -33.23
CA GLN C 79 8.47 -8.14 -34.19
C GLN C 79 7.15 -7.77 -33.49
N MET C 80 6.91 -8.31 -32.28
CA MET C 80 5.76 -7.86 -31.51
C MET C 80 5.91 -6.39 -31.15
N ALA C 81 7.07 -6.04 -30.59
CA ALA C 81 7.35 -4.67 -30.26
C ALA C 81 7.19 -3.76 -31.47
N ARG C 82 7.66 -4.21 -32.65
CA ARG C 82 7.54 -3.37 -33.83
C ARG C 82 6.09 -3.11 -34.19
N GLU C 83 5.27 -4.17 -34.25
CA GLU C 83 3.87 -3.97 -34.63
C GLU C 83 3.12 -3.12 -33.61
N TYR C 84 3.40 -3.33 -32.32
CA TYR C 84 2.73 -2.55 -31.29
C TYR C 84 3.14 -1.08 -31.38
N ARG C 85 4.44 -0.82 -31.57
CA ARG C 85 4.88 0.55 -31.76
C ARG C 85 4.16 1.18 -32.96
N GLU C 86 3.94 0.44 -34.03
CA GLU C 86 3.25 1.07 -35.14
C GLU C 86 1.80 1.37 -34.81
N LYS C 87 1.17 0.53 -33.98
CA LYS C 87 -0.19 0.83 -33.54
C LYS C 87 -0.20 2.16 -32.79
N ILE C 88 0.64 2.30 -31.78
CA ILE C 88 0.71 3.54 -31.02
C ILE C 88 1.04 4.73 -31.94
N GLU C 89 1.91 4.52 -32.92
CA GLU C 89 2.30 5.58 -33.83
C GLU C 89 1.11 6.10 -34.62
N THR C 90 0.30 5.19 -35.16
CA THR C 90 -0.89 5.62 -35.89
C THR C 90 -1.85 6.39 -34.98
N GLU C 91 -2.03 5.95 -33.72
CA GLU C 91 -2.84 6.76 -32.80
C GLU C 91 -2.28 8.18 -32.66
N LEU C 92 -0.98 8.26 -32.34
CA LEU C 92 -0.32 9.55 -32.11
C LEU C 92 -0.42 10.47 -33.32
N ARG C 93 -0.15 9.92 -34.50
CA ARG C 93 -0.23 10.68 -35.73
C ARG C 93 -1.64 11.20 -35.96
N ASP C 94 -2.65 10.34 -35.76
CA ASP C 94 -4.03 10.79 -35.92
C ASP C 94 -4.38 11.93 -34.96
N ILE C 95 -3.89 11.87 -33.71
CA ILE C 95 -4.15 12.95 -32.75
C ILE C 95 -3.51 14.26 -33.23
N CYS C 96 -2.20 14.22 -33.49
CA CYS C 96 -1.44 15.37 -33.99
C CYS C 96 -2.13 16.04 -35.17
N ASN C 97 -2.56 15.24 -36.16
CA ASN C 97 -3.18 15.85 -37.32
C ASN C 97 -4.55 16.41 -36.99
N ASP C 98 -5.22 15.85 -35.98
CA ASP C 98 -6.45 16.44 -35.50
C ASP C 98 -6.20 17.86 -34.99
N VAL C 99 -5.22 18.01 -34.10
CA VAL C 99 -4.88 19.33 -33.58
C VAL C 99 -4.47 20.27 -34.71
N LEU C 100 -3.71 19.77 -35.68
CA LEU C 100 -3.17 20.66 -36.68
C LEU C 100 -4.27 21.15 -37.60
N SER C 101 -5.25 20.28 -37.91
CA SER C 101 -6.44 20.73 -38.64
C SER C 101 -7.21 21.79 -37.86
N LEU C 102 -7.48 21.54 -36.57
CA LEU C 102 -8.09 22.57 -35.73
C LEU C 102 -7.33 23.90 -35.79
N LEU C 103 -5.99 23.85 -35.81
CA LEU C 103 -5.20 25.08 -35.88
C LEU C 103 -5.42 25.80 -37.20
N GLU C 104 -5.30 25.08 -38.33
CA GLU C 104 -5.44 25.74 -39.63
C GLU C 104 -6.85 26.23 -39.90
N LYS C 105 -7.87 25.55 -39.37
CA LYS C 105 -9.24 25.78 -39.81
C LYS C 105 -9.97 26.78 -38.94
N PHE C 106 -9.66 26.81 -37.65
CA PHE C 106 -10.41 27.62 -36.71
C PHE C 106 -9.48 28.53 -35.94
N LEU C 107 -8.39 27.99 -35.40
CA LEU C 107 -7.71 28.71 -34.34
C LEU C 107 -6.85 29.83 -34.91
N ILE C 108 -5.86 29.47 -35.71
CA ILE C 108 -4.95 30.48 -36.26
C ILE C 108 -5.70 31.51 -37.08
N PRO C 109 -6.64 31.16 -37.99
CA PRO C 109 -7.36 32.20 -38.75
C PRO C 109 -8.39 32.98 -37.94
N ASN C 110 -8.41 32.84 -36.62
CA ASN C 110 -9.34 33.57 -35.78
C ASN C 110 -8.66 34.31 -34.65
N ALA C 111 -7.35 34.23 -34.56
CA ALA C 111 -6.67 34.77 -33.40
C ALA C 111 -6.54 36.27 -33.62
N SER C 112 -7.37 37.05 -32.92
CA SER C 112 -7.21 38.51 -32.95
C SER C 112 -6.19 39.00 -31.93
N GLN C 113 -6.00 38.29 -30.84
CA GLN C 113 -4.91 38.61 -29.93
C GLN C 113 -3.61 38.15 -30.56
N ALA C 114 -2.64 39.05 -30.67
CA ALA C 114 -1.35 38.65 -31.23
C ALA C 114 -0.70 37.59 -30.37
N GLU C 115 -0.99 37.63 -29.08
CA GLU C 115 -0.42 36.68 -28.15
C GLU C 115 -0.97 35.29 -28.42
N SER C 116 -2.26 35.22 -28.76
CA SER C 116 -2.87 33.98 -29.19
C SER C 116 -2.30 33.50 -30.53
N LYS C 117 -2.03 34.42 -31.46
CA LYS C 117 -1.42 34.00 -32.72
C LYS C 117 -0.07 33.34 -32.46
N VAL C 118 0.72 33.90 -31.54
CA VAL C 118 1.97 33.27 -31.14
C VAL C 118 1.71 31.92 -30.48
N PHE C 119 0.72 31.85 -29.58
CA PHE C 119 0.38 30.62 -28.88
C PHE C 119 0.04 29.49 -29.85
N TYR C 120 -0.76 29.81 -30.86
CA TYR C 120 -1.21 28.79 -31.79
C TYR C 120 -0.09 28.38 -32.73
N LEU C 121 0.71 29.32 -33.23
CA LEU C 121 1.82 28.89 -34.07
C LEU C 121 2.79 28.04 -33.29
N LYS C 122 2.98 28.35 -32.00
CA LYS C 122 3.86 27.53 -31.19
C LYS C 122 3.28 26.12 -31.03
N MET C 123 1.97 26.01 -30.82
CA MET C 123 1.30 24.71 -30.79
C MET C 123 1.56 23.93 -32.08
N LYS C 124 1.37 24.58 -33.22
CA LYS C 124 1.67 23.98 -34.51
C LYS C 124 3.11 23.48 -34.57
N GLY C 125 4.06 24.32 -34.18
CA GLY C 125 5.43 23.84 -34.04
C GLY C 125 5.52 22.59 -33.21
N ASP C 126 4.82 22.58 -32.08
CA ASP C 126 4.92 21.48 -31.13
C ASP C 126 4.42 20.16 -31.72
N TYR C 127 3.25 20.17 -32.33
CA TYR C 127 2.70 18.93 -32.84
C TYR C 127 3.40 18.45 -34.11
N TYR C 128 3.90 19.36 -34.96
CA TYR C 128 4.83 18.86 -35.99
C TYR C 128 6.10 18.31 -35.34
N ARG C 129 6.53 18.89 -34.22
CA ARG C 129 7.66 18.31 -33.51
C ARG C 129 7.36 16.88 -33.08
N TYR C 130 6.18 16.65 -32.50
CA TYR C 130 5.81 15.30 -32.05
C TYR C 130 5.65 14.34 -33.23
N LEU C 131 5.15 14.82 -34.36
CA LEU C 131 5.18 14.01 -35.58
C LEU C 131 6.60 13.65 -35.97
N ALA C 132 7.55 14.58 -35.73
CA ALA C 132 8.93 14.41 -36.18
C ALA C 132 9.69 13.49 -35.27
N GLU C 133 9.31 13.44 -34.00
CA GLU C 133 9.91 12.45 -33.09
C GLU C 133 9.76 11.02 -33.61
N VAL C 134 8.74 10.73 -34.43
CA VAL C 134 8.44 9.35 -34.83
C VAL C 134 8.40 9.17 -36.34
N ALA C 135 8.70 10.20 -37.12
CA ALA C 135 8.72 10.04 -38.57
C ALA C 135 9.89 9.13 -38.97
N ALA C 136 9.74 8.45 -40.11
CA ALA C 136 10.78 7.55 -40.59
C ALA C 136 10.71 7.47 -42.12
N GLY C 137 11.50 8.28 -42.78
CA GLY C 137 11.59 8.19 -44.23
C GLY C 137 11.94 9.53 -44.84
N ASP C 138 11.76 9.61 -46.16
CA ASP C 138 11.70 10.89 -46.83
C ASP C 138 10.46 11.68 -46.41
N ASP C 139 9.57 11.06 -45.64
CA ASP C 139 8.47 11.77 -45.02
C ASP C 139 8.94 12.83 -44.02
N LYS C 140 10.11 12.63 -43.42
CA LYS C 140 10.48 13.34 -42.19
C LYS C 140 10.95 14.76 -42.44
N LYS C 141 11.66 14.99 -43.55
CA LYS C 141 12.12 16.33 -43.87
C LYS C 141 10.96 17.31 -43.92
N GLY C 142 9.87 16.94 -44.59
CA GLY C 142 8.74 17.85 -44.73
C GLY C 142 8.08 18.16 -43.40
N ILE C 143 8.01 17.16 -42.52
CA ILE C 143 7.51 17.38 -41.16
C ILE C 143 8.42 18.34 -40.40
N VAL C 144 9.73 18.07 -40.42
CA VAL C 144 10.68 18.91 -39.71
C VAL C 144 10.61 20.35 -40.21
N ASP C 145 10.46 20.52 -41.53
CA ASP C 145 10.36 21.85 -42.11
C ASP C 145 9.08 22.55 -41.65
N GLN C 146 7.97 21.81 -41.56
CA GLN C 146 6.73 22.42 -41.08
C GLN C 146 6.86 22.88 -39.62
N SER C 147 7.46 22.05 -38.77
CA SER C 147 7.64 22.46 -37.38
C SER C 147 8.52 23.70 -37.29
N GLN C 148 9.71 23.65 -37.91
CA GLN C 148 10.68 24.74 -37.84
C GLN C 148 10.10 26.03 -38.38
N GLN C 149 9.35 25.94 -39.48
CA GLN C 149 8.77 27.14 -40.05
C GLN C 149 7.69 27.70 -39.14
N ALA C 150 6.95 26.85 -38.43
CA ALA C 150 5.89 27.36 -37.56
C ALA C 150 6.49 28.03 -36.32
N TYR C 151 7.48 27.39 -35.70
CA TYR C 151 8.24 28.06 -34.65
C TYR C 151 8.82 29.40 -35.13
N GLN C 152 9.39 29.43 -36.34
CA GLN C 152 10.01 30.68 -36.79
C GLN C 152 8.96 31.77 -36.96
N GLU C 153 7.79 31.43 -37.49
CA GLU C 153 6.71 32.42 -37.58
C GLU C 153 6.32 32.93 -36.20
N ALA C 154 6.09 32.01 -35.26
CA ALA C 154 5.73 32.40 -33.90
C ALA C 154 6.78 33.30 -33.28
N PHE C 155 8.04 32.86 -33.32
CA PHE C 155 9.19 33.63 -32.88
C PHE C 155 9.17 35.05 -33.41
N GLU C 156 9.15 35.16 -34.74
CA GLU C 156 9.12 36.45 -35.40
C GLU C 156 8.06 37.36 -34.80
N ILE C 157 6.79 36.91 -34.80
CA ILE C 157 5.71 37.74 -34.29
C ILE C 157 5.95 38.13 -32.82
N SER C 158 6.35 37.16 -32.00
CA SER C 158 6.55 37.46 -30.58
C SER C 158 7.61 38.54 -30.38
N LYS C 159 8.55 38.67 -31.32
CA LYS C 159 9.59 39.68 -31.14
C LYS C 159 9.04 41.09 -31.31
N LYS C 160 8.04 41.26 -32.18
CA LYS C 160 7.41 42.56 -32.39
C LYS C 160 6.38 42.87 -31.31
N GLU C 161 5.61 41.87 -30.87
CA GLU C 161 4.43 42.16 -30.06
C GLU C 161 4.57 41.73 -28.61
N MET C 162 5.76 41.35 -28.16
CA MET C 162 5.87 40.79 -26.81
C MET C 162 7.14 41.20 -26.08
N GLN C 163 6.97 41.40 -24.78
CA GLN C 163 8.10 41.61 -23.89
C GLN C 163 8.97 40.35 -23.84
N PRO C 164 10.30 40.49 -23.82
CA PRO C 164 11.16 39.33 -23.57
C PRO C 164 10.86 38.62 -22.26
N THR C 165 10.09 39.20 -21.35
CA THR C 165 9.73 38.52 -20.12
C THR C 165 8.41 37.77 -20.22
N HIS C 166 7.67 37.96 -21.31
CA HIS C 166 6.34 37.36 -21.46
C HIS C 166 6.42 35.82 -21.45
N PRO C 167 5.60 35.14 -20.65
CA PRO C 167 5.74 33.69 -20.53
C PRO C 167 5.45 32.94 -21.83
N ILE C 168 4.59 33.46 -22.70
CA ILE C 168 4.41 32.80 -23.99
C ILE C 168 5.63 32.98 -24.88
N ARG C 169 6.28 34.14 -24.81
CA ARG C 169 7.50 34.34 -25.59
C ARG C 169 8.62 33.44 -25.09
N LEU C 170 8.68 33.21 -23.77
CA LEU C 170 9.73 32.38 -23.22
C LEU C 170 9.44 30.90 -23.45
N GLY C 171 8.17 30.48 -23.27
CA GLY C 171 7.79 29.12 -23.64
C GLY C 171 8.09 28.81 -25.09
N LEU C 172 7.71 29.72 -26.00
CA LEU C 172 8.10 29.60 -27.39
C LEU C 172 9.61 29.46 -27.54
N ALA C 173 10.38 30.20 -26.72
CA ALA C 173 11.84 30.10 -26.85
C ALA C 173 12.35 28.74 -26.36
N LEU C 174 11.75 28.22 -25.29
CA LEU C 174 12.19 26.93 -24.73
C LEU C 174 11.93 25.79 -25.71
N ASN C 175 10.69 25.71 -26.21
CA ASN C 175 10.34 24.64 -27.14
C ASN C 175 11.07 24.78 -28.46
N PHE C 176 11.32 26.01 -28.92
CA PHE C 176 12.12 26.17 -30.13
C PHE C 176 13.53 25.62 -29.91
N SER C 177 14.12 25.96 -28.78
CA SER C 177 15.47 25.48 -28.51
C SER C 177 15.50 23.96 -28.37
N VAL C 178 14.47 23.38 -27.73
CA VAL C 178 14.38 21.92 -27.63
C VAL C 178 14.23 21.29 -29.01
N PHE C 179 13.45 21.94 -29.89
CA PHE C 179 13.34 21.47 -31.26
C PHE C 179 14.72 21.38 -31.91
N TYR C 180 15.52 22.46 -31.80
CA TYR C 180 16.87 22.42 -32.36
C TYR C 180 17.70 21.29 -31.76
N TYR C 181 17.57 21.04 -30.47
CA TYR C 181 18.40 20.03 -29.84
C TYR C 181 17.98 18.63 -30.26
N GLU C 182 16.71 18.28 -30.02
CA GLU C 182 16.21 16.93 -30.23
C GLU C 182 15.93 16.63 -31.70
N ILE C 183 15.42 17.58 -32.47
CA ILE C 183 15.04 17.21 -33.82
C ILE C 183 16.17 17.50 -34.81
N LEU C 184 16.79 18.66 -34.72
CA LEU C 184 17.88 18.98 -35.64
C LEU C 184 19.26 18.58 -35.12
N ASN C 185 19.34 17.93 -33.96
CA ASN C 185 20.60 17.52 -33.35
C ASN C 185 21.67 18.61 -33.42
N SER C 186 21.27 19.84 -33.17
CA SER C 186 22.12 21.02 -33.36
C SER C 186 22.23 21.76 -32.03
N PRO C 187 23.13 21.32 -31.13
CA PRO C 187 23.20 21.94 -29.80
C PRO C 187 23.60 23.41 -29.83
N GLU C 188 24.33 23.85 -30.85
CA GLU C 188 24.77 25.25 -30.85
C GLU C 188 23.59 26.19 -31.03
N LYS C 189 22.70 25.89 -32.00
CA LYS C 189 21.53 26.74 -32.18
C LYS C 189 20.60 26.66 -30.97
N ALA C 190 20.40 25.45 -30.45
CA ALA C 190 19.59 25.28 -29.24
C ALA C 190 20.10 26.18 -28.13
N CYS C 191 21.41 26.10 -27.82
CA CYS C 191 21.98 26.90 -26.75
C CYS C 191 21.91 28.40 -27.04
N SER C 192 22.17 28.81 -28.28
CA SER C 192 22.13 30.23 -28.63
C SER C 192 20.74 30.80 -28.40
N LEU C 193 19.72 30.11 -28.92
CA LEU C 193 18.36 30.62 -28.80
C LEU C 193 17.95 30.70 -27.35
N ALA C 194 18.17 29.61 -26.60
CA ALA C 194 17.88 29.59 -25.18
C ALA C 194 18.57 30.76 -24.44
N LYS C 195 19.90 30.88 -24.62
CA LYS C 195 20.69 31.88 -23.90
C LYS C 195 20.29 33.30 -24.25
N THR C 196 20.07 33.58 -25.54
CA THR C 196 19.59 34.90 -25.93
C THR C 196 18.28 35.25 -25.23
N ALA C 197 17.37 34.26 -25.08
CA ALA C 197 16.08 34.54 -24.46
C ALA C 197 16.21 34.74 -22.95
N PHE C 198 16.96 33.86 -22.29
CA PHE C 198 17.22 34.04 -20.86
C PHE C 198 17.84 35.41 -20.57
N ASP C 199 18.78 35.86 -21.41
CA ASP C 199 19.46 37.12 -21.10
C ASP C 199 18.54 38.31 -21.38
N GLU C 200 17.88 38.33 -22.54
CA GLU C 200 16.92 39.39 -22.79
C GLU C 200 15.79 39.41 -21.76
N ALA C 201 15.61 38.32 -21.02
CA ALA C 201 14.62 38.30 -19.95
C ALA C 201 15.19 38.81 -18.63
N ILE C 202 16.34 38.27 -18.21
CA ILE C 202 16.95 38.63 -16.93
C ILE C 202 17.37 40.10 -16.89
N ALA C 203 17.27 40.81 -18.02
CA ALA C 203 17.55 42.23 -18.07
C ALA C 203 16.29 43.09 -17.95
N GLU C 204 15.11 42.49 -17.87
CA GLU C 204 13.89 43.30 -17.95
C GLU C 204 12.82 42.81 -16.95
N LEU C 205 13.22 42.21 -15.83
CA LEU C 205 12.24 41.66 -14.90
C LEU C 205 11.26 42.70 -14.36
N ASP C 206 11.70 43.96 -14.26
CA ASP C 206 10.84 45.03 -13.75
C ASP C 206 9.80 45.49 -14.79
N GLU C 210 4.46 41.51 -12.57
CA GLU C 210 3.79 40.87 -11.41
C GLU C 210 2.73 39.92 -11.92
N GLU C 211 2.33 38.97 -11.09
CA GLU C 211 1.14 38.12 -11.23
C GLU C 211 1.21 37.05 -12.32
N SER C 212 2.22 37.11 -13.18
CA SER C 212 2.64 35.95 -13.98
C SER C 212 4.12 35.69 -13.73
N TYR C 213 4.68 36.39 -12.74
CA TYR C 213 6.07 36.25 -12.34
C TYR C 213 6.51 34.80 -12.21
N LYS C 214 5.80 34.02 -11.39
CA LYS C 214 6.16 32.61 -11.18
C LYS C 214 6.32 31.89 -12.51
N ASP C 215 5.46 32.21 -13.49
CA ASP C 215 5.58 31.63 -14.82
C ASP C 215 6.92 31.97 -15.45
N SER C 216 7.17 33.27 -15.69
CA SER C 216 8.42 33.70 -16.33
C SER C 216 9.61 33.04 -15.67
N THR C 217 9.80 33.33 -14.40
CA THR C 217 10.96 32.82 -13.68
C THR C 217 11.10 31.32 -13.85
N LEU C 218 10.00 30.57 -13.70
CA LEU C 218 10.19 29.13 -13.74
C LEU C 218 10.54 28.68 -15.15
N ILE C 219 9.93 29.30 -16.17
CA ILE C 219 10.37 29.04 -17.53
C ILE C 219 11.85 29.43 -17.66
N MET C 220 12.23 30.58 -17.09
CA MET C 220 13.64 30.95 -17.07
C MET C 220 14.48 29.86 -16.41
N GLN C 221 14.03 29.37 -15.23
CA GLN C 221 14.72 28.24 -14.61
C GLN C 221 14.83 27.09 -15.59
N LEU C 222 13.69 26.76 -16.22
CA LEU C 222 13.64 25.77 -17.28
C LEU C 222 14.73 26.01 -18.32
N LEU C 223 14.76 27.23 -18.89
CA LEU C 223 15.77 27.53 -19.90
C LEU C 223 17.16 27.24 -19.35
N ARG C 224 17.45 27.76 -18.15
CA ARG C 224 18.74 27.52 -17.53
C ARG C 224 19.06 26.04 -17.50
N ASP C 225 18.11 25.24 -16.99
CA ASP C 225 18.36 23.81 -16.82
C ASP C 225 18.81 23.18 -18.13
N ASN C 226 18.10 23.50 -19.23
CA ASN C 226 18.48 22.90 -20.51
C ASN C 226 19.89 23.29 -20.90
N LEU C 227 20.22 24.58 -20.74
CA LEU C 227 21.58 25.05 -20.98
C LEU C 227 22.58 24.19 -20.21
N THR C 228 22.34 23.98 -18.91
CA THR C 228 23.31 23.26 -18.11
C THR C 228 23.50 21.85 -18.64
N LEU C 229 22.42 21.21 -19.10
CA LEU C 229 22.58 19.85 -19.58
C LEU C 229 23.15 19.79 -20.99
N TRP C 230 23.17 20.91 -21.70
CA TRP C 230 23.67 20.94 -23.08
C TRP C 230 25.10 21.46 -23.19
N THR C 231 25.61 22.15 -22.17
CA THR C 231 26.98 22.68 -22.18
C THR C 231 27.85 21.87 -21.21
N ASP D 4 -2.63 0.56 44.28
CA ASP D 4 -4.09 0.43 44.35
C ASP D 4 -4.60 -0.49 43.23
N LYS D 5 -5.27 -1.57 43.63
CA LYS D 5 -5.65 -2.64 42.70
C LYS D 5 -6.47 -2.11 41.51
N ASN D 6 -7.44 -1.22 41.77
CA ASN D 6 -8.33 -0.76 40.72
C ASN D 6 -7.57 0.05 39.66
N GLU D 7 -6.55 0.79 40.09
CA GLU D 7 -5.74 1.57 39.16
C GLU D 7 -4.89 0.66 38.28
N LEU D 8 -4.23 -0.35 38.88
CA LEU D 8 -3.43 -1.29 38.11
C LEU D 8 -4.28 -1.99 37.06
N VAL D 9 -5.54 -2.32 37.42
CA VAL D 9 -6.43 -3.01 36.47
C VAL D 9 -6.85 -2.07 35.34
N GLN D 10 -7.07 -0.79 35.65
CA GLN D 10 -7.42 0.13 34.58
C GLN D 10 -6.23 0.42 33.65
N LYS D 11 -5.03 0.58 34.22
CA LYS D 11 -3.84 0.73 33.39
C LYS D 11 -3.60 -0.51 32.55
N ALA D 12 -3.99 -1.68 33.04
CA ALA D 12 -3.82 -2.90 32.26
C ALA D 12 -4.83 -2.99 31.11
N LYS D 13 -6.03 -2.47 31.29
CA LYS D 13 -6.93 -2.35 30.14
C LYS D 13 -6.36 -1.39 29.11
N LEU D 14 -5.90 -0.22 29.57
CA LEU D 14 -5.24 0.73 28.69
C LEU D 14 -4.11 0.07 27.89
N ALA D 15 -3.29 -0.75 28.56
CA ALA D 15 -2.15 -1.38 27.89
C ALA D 15 -2.58 -2.50 26.95
N GLU D 16 -3.66 -3.21 27.28
CA GLU D 16 -4.22 -4.15 26.31
C GLU D 16 -4.64 -3.44 25.03
N GLN D 17 -5.14 -2.20 25.15
CA GLN D 17 -5.46 -1.42 23.96
C GLN D 17 -4.21 -1.17 23.12
N ALA D 18 -3.18 -0.60 23.73
CA ALA D 18 -2.00 -0.17 23.00
C ALA D 18 -1.14 -1.33 22.54
N GLU D 19 -1.55 -2.57 22.82
CA GLU D 19 -0.76 -3.75 22.49
C GLU D 19 0.63 -3.68 23.14
N ARG D 20 0.70 -3.12 24.33
CA ARG D 20 1.94 -3.13 25.10
C ARG D 20 1.75 -4.17 26.20
N TYR D 21 1.98 -5.43 25.81
CA TYR D 21 1.57 -6.57 26.64
C TYR D 21 2.51 -6.85 27.80
N ASP D 22 3.80 -6.51 27.68
CA ASP D 22 4.67 -6.62 28.84
C ASP D 22 4.21 -5.67 29.92
N ASP D 23 3.84 -4.44 29.55
CA ASP D 23 3.19 -3.51 30.47
C ASP D 23 1.97 -4.14 31.10
N MET D 24 1.11 -4.70 30.26
CA MET D 24 -0.14 -5.27 30.75
C MET D 24 0.12 -6.36 31.77
N ALA D 25 1.11 -7.22 31.50
CA ALA D 25 1.43 -8.30 32.42
C ALA D 25 2.03 -7.76 33.71
N ALA D 26 2.88 -6.73 33.61
CA ALA D 26 3.43 -6.14 34.83
C ALA D 26 2.32 -5.70 35.77
N CYS D 27 1.29 -5.04 35.25
CA CYS D 27 0.18 -4.59 36.09
C CYS D 27 -0.50 -5.76 36.80
N MET D 28 -0.86 -6.79 36.06
CA MET D 28 -1.62 -7.86 36.70
C MET D 28 -0.77 -8.74 37.61
N LYS D 29 0.53 -8.82 37.34
CA LYS D 29 1.45 -9.45 38.29
C LYS D 29 1.49 -8.66 39.60
N SER D 30 1.58 -7.33 39.52
CA SER D 30 1.41 -6.52 40.72
C SER D 30 0.12 -6.88 41.45
N VAL D 31 -0.99 -6.94 40.70
CA VAL D 31 -2.28 -7.22 41.32
C VAL D 31 -2.26 -8.57 42.03
N THR D 32 -1.87 -9.63 41.31
CA THR D 32 -1.68 -10.94 41.92
C THR D 32 -0.82 -10.85 43.19
N GLU D 33 0.16 -9.96 43.18
CA GLU D 33 1.09 -9.82 44.29
C GLU D 33 0.48 -9.05 45.46
N GLN D 34 -0.60 -8.31 45.25
CA GLN D 34 -1.26 -7.71 46.41
C GLN D 34 -2.14 -8.70 47.16
N GLY D 35 -1.93 -10.01 46.92
CA GLY D 35 -2.44 -11.06 47.77
C GLY D 35 -3.88 -11.51 47.53
N ALA D 36 -4.77 -10.57 47.27
CA ALA D 36 -6.19 -10.90 47.14
C ALA D 36 -6.44 -11.82 45.96
N GLU D 37 -7.42 -12.70 46.11
CA GLU D 37 -7.80 -13.58 45.01
C GLU D 37 -8.29 -12.76 43.83
N LEU D 38 -8.17 -13.35 42.64
CA LEU D 38 -8.51 -12.66 41.40
C LEU D 38 -9.98 -12.88 41.04
N SER D 39 -10.68 -11.78 40.73
CA SER D 39 -11.99 -11.91 40.11
C SER D 39 -11.85 -12.51 38.70
N ASN D 40 -12.95 -13.03 38.19
CA ASN D 40 -12.91 -13.66 36.86
C ASN D 40 -12.37 -12.72 35.79
N GLU D 41 -12.62 -11.42 35.96
CA GLU D 41 -12.12 -10.41 35.03
C GLU D 41 -10.60 -10.28 35.14
N GLU D 42 -10.11 -9.93 36.33
CA GLU D 42 -8.67 -9.83 36.58
C GLU D 42 -7.93 -11.11 36.18
N ARG D 43 -8.49 -12.26 36.55
CA ARG D 43 -7.96 -13.55 36.10
C ARG D 43 -7.78 -13.57 34.59
N ASN D 44 -8.80 -13.09 33.87
CA ASN D 44 -8.69 -13.04 32.40
C ASN D 44 -7.57 -12.12 31.95
N LEU D 45 -7.56 -10.87 32.43
CA LEU D 45 -6.53 -9.91 31.98
C LEU D 45 -5.12 -10.43 32.26
N LEU D 46 -4.92 -11.13 33.39
CA LEU D 46 -3.62 -11.74 33.66
C LEU D 46 -3.28 -12.78 32.60
N SER D 47 -4.23 -13.67 32.31
CA SER D 47 -3.97 -14.72 31.33
C SER D 47 -3.67 -14.13 29.96
N VAL D 48 -4.41 -13.10 29.56
CA VAL D 48 -4.20 -12.52 28.24
C VAL D 48 -2.83 -11.89 28.15
N ALA D 49 -2.52 -11.00 29.10
CA ALA D 49 -1.20 -10.36 29.11
C ALA D 49 -0.09 -11.39 29.00
N TYR D 50 -0.10 -12.40 29.87
CA TYR D 50 1.05 -13.29 29.90
C TYR D 50 1.08 -14.22 28.67
N LYS D 51 -0.07 -14.68 28.21
CA LYS D 51 -0.06 -15.52 27.03
C LYS D 51 0.44 -14.78 25.79
N ASN D 52 0.17 -13.47 25.71
CA ASN D 52 0.73 -12.67 24.62
C ASN D 52 2.24 -12.53 24.76
N VAL D 53 2.71 -12.11 25.96
CA VAL D 53 4.15 -11.86 26.12
C VAL D 53 4.94 -13.13 25.84
N VAL D 54 4.54 -14.26 26.44
CA VAL D 54 5.25 -15.51 26.19
C VAL D 54 5.04 -15.99 24.75
N GLY D 55 3.89 -15.66 24.15
CA GLY D 55 3.66 -16.05 22.77
C GLY D 55 4.61 -15.42 21.77
N ALA D 56 4.91 -14.14 21.95
CA ALA D 56 5.87 -13.51 21.04
C ALA D 56 7.20 -14.27 21.05
N ARG D 57 7.68 -14.61 22.24
CA ARG D 57 8.95 -15.33 22.34
C ARG D 57 8.84 -16.74 21.78
N ARG D 58 7.69 -17.39 21.94
CA ARG D 58 7.52 -18.71 21.34
C ARG D 58 7.59 -18.64 19.83
N SER D 59 6.96 -17.63 19.22
CA SER D 59 7.07 -17.49 17.78
C SER D 59 8.50 -17.23 17.36
N SER D 60 9.18 -16.30 18.03
CA SER D 60 10.55 -16.01 17.62
C SER D 60 11.42 -17.25 17.76
N TRP D 61 11.23 -18.00 18.84
CA TRP D 61 11.95 -19.25 18.98
C TRP D 61 11.66 -20.16 17.80
N ARG D 62 10.39 -20.44 17.55
CA ARG D 62 10.00 -21.31 16.45
C ARG D 62 10.74 -20.91 15.16
N VAL D 63 10.68 -19.62 14.79
CA VAL D 63 11.27 -19.17 13.55
C VAL D 63 12.79 -19.38 13.56
N VAL D 64 13.47 -18.77 14.53
CA VAL D 64 14.94 -18.84 14.57
C VAL D 64 15.40 -20.30 14.58
N SER D 65 14.80 -21.09 15.47
CA SER D 65 15.04 -22.52 15.53
C SER D 65 14.82 -23.22 14.20
N SER D 66 13.90 -22.71 13.36
CA SER D 66 13.69 -23.31 12.05
C SER D 66 14.77 -22.91 11.06
N ILE D 67 15.24 -21.65 11.13
CA ILE D 67 16.37 -21.25 10.30
C ILE D 67 17.60 -22.08 10.64
N GLU D 68 17.75 -22.47 11.91
CA GLU D 68 18.85 -23.32 12.32
C GLU D 68 19.03 -24.50 11.35
N GLN D 69 17.93 -25.15 11.00
CA GLN D 69 17.97 -26.28 10.06
C GLN D 69 17.79 -25.82 8.61
N GLN D 79 24.56 -21.55 11.75
CA GLN D 79 25.05 -22.19 12.96
C GLN D 79 25.04 -21.20 14.14
N MET D 80 25.15 -19.90 13.82
CA MET D 80 25.11 -18.86 14.85
C MET D 80 23.71 -18.65 15.41
N ALA D 81 22.69 -18.97 14.61
CA ALA D 81 21.30 -18.78 15.02
C ALA D 81 20.98 -19.51 16.32
N ARG D 82 21.83 -20.45 16.75
CA ARG D 82 21.64 -21.07 18.06
C ARG D 82 21.70 -20.02 19.17
N GLU D 83 22.78 -19.23 19.20
CA GLU D 83 22.98 -18.33 20.34
C GLU D 83 22.00 -17.17 20.35
N TYR D 84 21.42 -16.81 19.21
CA TYR D 84 20.28 -15.91 19.23
C TYR D 84 19.06 -16.63 19.80
N ARG D 85 18.79 -17.83 19.29
CA ARG D 85 17.74 -18.66 19.88
C ARG D 85 17.93 -18.78 21.38
N GLU D 86 19.16 -19.02 21.83
CA GLU D 86 19.42 -19.18 23.24
C GLU D 86 19.08 -17.92 24.03
N LYS D 87 19.35 -16.74 23.45
CA LYS D 87 18.95 -15.51 24.13
C LYS D 87 17.44 -15.52 24.33
N ILE D 88 16.68 -15.87 23.28
CA ILE D 88 15.23 -15.96 23.41
C ILE D 88 14.87 -17.00 24.46
N GLU D 89 15.57 -18.14 24.47
CA GLU D 89 15.24 -19.19 25.41
C GLU D 89 15.38 -18.72 26.83
N THR D 90 16.18 -17.68 27.08
CA THR D 90 16.23 -17.16 28.44
C THR D 90 15.03 -16.28 28.73
N GLU D 91 14.71 -15.35 27.81
CA GLU D 91 13.54 -14.49 27.98
C GLU D 91 12.30 -15.33 28.21
N LEU D 92 12.10 -16.30 27.33
CA LEU D 92 10.97 -17.21 27.48
C LEU D 92 11.02 -17.89 28.84
N ARG D 93 12.16 -18.49 29.17
CA ARG D 93 12.24 -19.21 30.44
C ARG D 93 12.00 -18.28 31.61
N ASP D 94 12.25 -16.98 31.43
CA ASP D 94 12.01 -16.08 32.56
C ASP D 94 10.56 -15.67 32.67
N ILE D 95 9.84 -15.56 31.55
CA ILE D 95 8.41 -15.27 31.64
C ILE D 95 7.68 -16.42 32.32
N CYS D 96 7.92 -17.64 31.83
CA CYS D 96 7.26 -18.83 32.38
C CYS D 96 7.39 -18.91 33.88
N ASN D 97 8.62 -18.82 34.39
CA ASN D 97 8.82 -18.95 35.83
C ASN D 97 8.11 -17.83 36.58
N ASP D 98 8.13 -16.61 36.04
CA ASP D 98 7.35 -15.53 36.64
C ASP D 98 5.91 -15.97 36.84
N VAL D 99 5.35 -16.66 35.85
CA VAL D 99 3.99 -17.16 35.96
C VAL D 99 3.93 -18.30 36.95
N LEU D 100 4.83 -19.28 36.80
CA LEU D 100 4.79 -20.44 37.70
C LEU D 100 4.93 -20.01 39.15
N SER D 101 5.86 -19.09 39.42
CA SER D 101 5.96 -18.51 40.76
C SER D 101 4.63 -17.89 41.18
N LEU D 102 4.09 -16.95 40.37
CA LEU D 102 2.80 -16.35 40.72
C LEU D 102 1.74 -17.43 40.92
N LEU D 103 1.82 -18.51 40.16
CA LEU D 103 0.82 -19.54 40.31
C LEU D 103 0.96 -20.24 41.64
N GLU D 104 2.20 -20.55 42.02
CA GLU D 104 2.42 -21.48 43.11
C GLU D 104 2.29 -20.85 44.48
N LYS D 105 2.41 -19.52 44.57
CA LYS D 105 2.28 -18.88 45.86
C LYS D 105 1.05 -17.99 45.99
N PHE D 106 0.40 -17.61 44.90
CA PHE D 106 -0.81 -16.82 45.02
C PHE D 106 -2.05 -17.50 44.45
N LEU D 107 -2.04 -17.86 43.17
CA LEU D 107 -3.30 -18.07 42.46
C LEU D 107 -3.92 -19.40 42.83
N ILE D 108 -3.11 -20.45 42.85
CA ILE D 108 -3.58 -21.80 43.18
C ILE D 108 -4.02 -21.85 44.66
N PRO D 109 -3.19 -21.45 45.64
CA PRO D 109 -3.64 -21.57 47.04
C PRO D 109 -4.81 -20.69 47.39
N ASN D 110 -5.03 -19.60 46.67
CA ASN D 110 -6.18 -18.73 46.88
C ASN D 110 -7.44 -19.23 46.20
N ALA D 111 -7.37 -20.34 45.46
CA ALA D 111 -8.48 -20.75 44.61
C ALA D 111 -9.58 -21.34 45.47
N SER D 112 -10.71 -20.62 45.59
CA SER D 112 -11.83 -21.10 46.38
C SER D 112 -12.90 -21.82 45.55
N GLN D 113 -13.18 -21.38 44.33
CA GLN D 113 -14.12 -22.08 43.48
C GLN D 113 -13.49 -23.36 42.93
N ALA D 114 -14.27 -24.12 42.16
CA ALA D 114 -13.72 -25.26 41.44
C ALA D 114 -13.27 -24.89 40.03
N GLU D 115 -13.90 -23.89 39.43
CA GLU D 115 -13.50 -23.42 38.11
C GLU D 115 -12.13 -22.75 38.15
N SER D 116 -11.92 -21.90 39.16
CA SER D 116 -10.64 -21.20 39.28
C SER D 116 -9.49 -22.17 39.48
N LYS D 117 -9.74 -23.25 40.25
CA LYS D 117 -8.71 -24.25 40.49
C LYS D 117 -8.26 -24.89 39.19
N VAL D 118 -9.20 -25.45 38.42
CA VAL D 118 -8.83 -26.07 37.14
C VAL D 118 -8.21 -25.04 36.20
N PHE D 119 -8.68 -23.80 36.26
CA PHE D 119 -8.13 -22.77 35.37
C PHE D 119 -6.66 -22.54 35.65
N TYR D 120 -6.30 -22.49 36.93
CA TYR D 120 -4.92 -22.24 37.31
C TYR D 120 -4.05 -23.49 37.15
N LEU D 121 -4.56 -24.67 37.47
CA LEU D 121 -3.76 -25.87 37.24
C LEU D 121 -3.51 -26.05 35.75
N LYS D 122 -4.51 -25.73 34.92
CA LYS D 122 -4.30 -25.75 33.48
C LYS D 122 -3.22 -24.76 33.08
N MET D 123 -3.25 -23.57 33.69
CA MET D 123 -2.19 -22.60 33.43
C MET D 123 -0.81 -23.16 33.80
N LYS D 124 -0.70 -23.82 34.95
CA LYS D 124 0.55 -24.45 35.37
C LYS D 124 1.01 -25.47 34.33
N GLY D 125 0.08 -26.31 33.84
CA GLY D 125 0.44 -27.31 32.84
C GLY D 125 0.88 -26.69 31.54
N ASP D 126 0.26 -25.57 31.19
CA ASP D 126 0.56 -24.86 29.95
C ASP D 126 1.96 -24.24 29.98
N TYR D 127 2.24 -23.45 31.02
CA TYR D 127 3.55 -22.80 31.10
C TYR D 127 4.67 -23.81 31.36
N TYR D 128 4.39 -24.90 32.09
CA TYR D 128 5.33 -26.01 32.08
C TYR D 128 5.48 -26.60 30.68
N ARG D 129 4.45 -26.55 29.85
CA ARG D 129 4.58 -27.04 28.48
C ARG D 129 5.45 -26.11 27.63
N TYR D 130 5.34 -24.80 27.81
CA TYR D 130 6.23 -23.87 27.09
C TYR D 130 7.67 -24.04 27.55
N LEU D 131 7.88 -24.32 28.85
CA LEU D 131 9.21 -24.73 29.29
C LEU D 131 9.64 -26.00 28.56
N ALA D 132 8.76 -27.01 28.51
CA ALA D 132 9.14 -28.30 27.93
C ALA D 132 9.48 -28.17 26.44
N GLU D 133 8.78 -27.28 25.72
CA GLU D 133 9.07 -27.04 24.31
C GLU D 133 10.51 -26.61 24.06
N VAL D 134 11.22 -26.19 25.11
CA VAL D 134 12.58 -25.69 25.00
C VAL D 134 13.58 -26.50 25.81
N ALA D 135 13.13 -27.38 26.70
CA ALA D 135 14.04 -28.16 27.53
C ALA D 135 14.71 -29.25 26.71
N ALA D 136 15.91 -29.67 27.14
CA ALA D 136 16.73 -30.60 26.38
C ALA D 136 17.10 -31.88 27.15
N GLY D 137 17.69 -31.75 28.34
CA GLY D 137 18.31 -32.90 28.97
C GLY D 137 17.40 -33.71 29.86
N ASP D 138 17.91 -34.20 30.98
CA ASP D 138 17.02 -34.73 32.02
C ASP D 138 16.07 -33.65 32.53
N ASP D 139 16.50 -32.38 32.49
CA ASP D 139 15.61 -31.26 32.77
C ASP D 139 14.35 -31.35 31.91
N LYS D 140 14.49 -31.80 30.66
CA LYS D 140 13.33 -31.95 29.79
C LYS D 140 12.30 -32.90 30.40
N LYS D 141 12.70 -34.15 30.66
CA LYS D 141 11.79 -35.14 31.24
C LYS D 141 11.16 -34.63 32.53
N GLY D 142 11.95 -33.93 33.36
CA GLY D 142 11.41 -33.44 34.60
C GLY D 142 10.33 -32.39 34.39
N ILE D 143 10.60 -31.43 33.52
CA ILE D 143 9.62 -30.39 33.24
C ILE D 143 8.37 -30.98 32.59
N VAL D 144 8.56 -31.97 31.69
CA VAL D 144 7.42 -32.64 31.09
C VAL D 144 6.52 -33.25 32.15
N ASP D 145 7.11 -33.95 33.11
CA ASP D 145 6.31 -34.56 34.14
C ASP D 145 5.64 -33.51 35.04
N GLN D 146 6.24 -32.32 35.16
CA GLN D 146 5.56 -31.24 35.87
C GLN D 146 4.32 -30.77 35.11
N SER D 147 4.47 -30.56 33.79
CA SER D 147 3.34 -30.25 32.93
C SER D 147 2.22 -31.24 33.16
N GLN D 148 2.52 -32.52 32.91
CA GLN D 148 1.48 -33.53 32.92
C GLN D 148 0.85 -33.64 34.30
N GLN D 149 1.66 -33.75 35.35
CA GLN D 149 1.11 -33.78 36.70
C GLN D 149 0.08 -32.66 36.92
N ALA D 150 0.37 -31.45 36.41
CA ALA D 150 -0.55 -30.32 36.58
C ALA D 150 -1.83 -30.52 35.78
N TYR D 151 -1.70 -30.89 34.50
CA TYR D 151 -2.86 -31.19 33.67
C TYR D 151 -3.74 -32.26 34.32
N GLN D 152 -3.15 -33.43 34.58
CA GLN D 152 -3.84 -34.58 35.13
C GLN D 152 -4.60 -34.23 36.41
N GLU D 153 -3.99 -33.41 37.27
CA GLU D 153 -4.76 -32.94 38.41
C GLU D 153 -5.99 -32.17 37.95
N ALA D 154 -5.81 -31.16 37.09
CA ALA D 154 -6.95 -30.37 36.65
C ALA D 154 -8.02 -31.24 36.00
N PHE D 155 -7.58 -32.23 35.22
CA PHE D 155 -8.46 -33.18 34.55
C PHE D 155 -9.35 -33.90 35.54
N GLU D 156 -8.75 -34.60 36.50
CA GLU D 156 -9.54 -35.29 37.53
C GLU D 156 -10.46 -34.33 38.29
N ILE D 157 -10.01 -33.09 38.54
CA ILE D 157 -10.89 -32.14 39.23
C ILE D 157 -12.16 -31.90 38.41
N SER D 158 -12.00 -31.56 37.12
CA SER D 158 -13.12 -31.12 36.29
C SER D 158 -14.04 -32.27 35.87
N LYS D 159 -13.50 -33.47 35.67
CA LYS D 159 -14.34 -34.64 35.42
C LYS D 159 -15.36 -34.87 36.53
N LYS D 160 -15.06 -34.42 37.76
CA LYS D 160 -15.89 -34.72 38.91
C LYS D 160 -16.55 -33.50 39.54
N GLU D 161 -16.21 -32.28 39.11
CA GLU D 161 -16.95 -31.13 39.62
C GLU D 161 -17.33 -30.14 38.53
N MET D 162 -17.38 -30.56 37.27
CA MET D 162 -17.68 -29.64 36.17
C MET D 162 -18.56 -30.33 35.12
N GLN D 163 -19.50 -29.57 34.56
CA GLN D 163 -20.33 -30.07 33.48
C GLN D 163 -19.46 -30.32 32.24
N PRO D 164 -19.73 -31.38 31.46
CA PRO D 164 -18.94 -31.60 30.23
C PRO D 164 -19.03 -30.44 29.25
N THR D 165 -19.91 -29.47 29.49
CA THR D 165 -20.15 -28.33 28.61
C THR D 165 -19.51 -27.04 29.14
N HIS D 166 -18.59 -27.15 30.11
CA HIS D 166 -17.92 -25.94 30.56
C HIS D 166 -16.76 -25.61 29.61
N PRO D 167 -16.70 -24.38 29.09
CA PRO D 167 -15.55 -23.97 28.25
C PRO D 167 -14.19 -24.19 28.93
N ILE D 168 -14.17 -24.26 30.26
CA ILE D 168 -12.92 -24.45 30.98
C ILE D 168 -12.52 -25.92 30.98
N ARG D 169 -13.45 -26.82 31.31
CA ARG D 169 -13.21 -28.25 31.16
C ARG D 169 -12.78 -28.57 29.73
N LEU D 170 -13.41 -27.89 28.76
CA LEU D 170 -13.16 -28.14 27.35
C LEU D 170 -11.78 -27.63 26.94
N GLY D 171 -11.41 -26.43 27.39
CA GLY D 171 -10.09 -25.91 27.08
C GLY D 171 -8.98 -26.73 27.72
N LEU D 172 -9.20 -27.20 28.94
CA LEU D 172 -8.27 -28.15 29.54
C LEU D 172 -8.14 -29.40 28.69
N ALA D 173 -9.26 -30.01 28.31
CA ALA D 173 -9.19 -31.24 27.51
C ALA D 173 -8.47 -30.97 26.19
N LEU D 174 -8.71 -29.80 25.60
CA LEU D 174 -8.04 -29.41 24.36
C LEU D 174 -6.53 -29.34 24.55
N ASN D 175 -6.08 -28.54 25.52
CA ASN D 175 -4.65 -28.31 25.71
C ASN D 175 -3.94 -29.54 26.26
N PHE D 176 -4.60 -30.32 27.11
CA PHE D 176 -4.04 -31.58 27.57
C PHE D 176 -3.86 -32.56 26.42
N SER D 177 -4.88 -32.68 25.56
CA SER D 177 -4.73 -33.51 24.37
C SER D 177 -3.60 -32.99 23.48
N VAL D 178 -3.43 -31.65 23.41
CA VAL D 178 -2.31 -31.09 22.65
C VAL D 178 -0.99 -31.40 23.34
N PHE D 179 -0.98 -31.45 24.68
CA PHE D 179 0.20 -31.88 25.41
C PHE D 179 0.59 -33.29 25.01
N TYR D 180 -0.40 -34.19 24.90
CA TYR D 180 -0.08 -35.54 24.44
C TYR D 180 0.39 -35.55 22.98
N TYR D 181 -0.16 -34.69 22.12
CA TYR D 181 0.33 -34.74 20.73
C TYR D 181 1.72 -34.15 20.61
N GLU D 182 1.86 -32.85 20.89
CA GLU D 182 3.10 -32.16 20.56
C GLU D 182 4.24 -32.59 21.49
N ILE D 183 3.96 -32.78 22.78
CA ILE D 183 5.02 -32.98 23.77
C ILE D 183 5.38 -34.45 23.92
N LEU D 184 4.40 -35.28 24.29
CA LEU D 184 4.68 -36.70 24.46
C LEU D 184 4.81 -37.44 23.14
N ASN D 185 4.19 -36.93 22.08
CA ASN D 185 4.13 -37.61 20.79
C ASN D 185 3.45 -38.98 20.93
N SER D 186 2.31 -38.97 21.61
CA SER D 186 1.47 -40.16 21.78
C SER D 186 0.12 -39.86 21.14
N PRO D 187 0.06 -39.76 19.81
CA PRO D 187 -1.15 -39.24 19.15
C PRO D 187 -2.39 -40.06 19.43
N GLU D 188 -2.25 -41.34 19.77
CA GLU D 188 -3.40 -42.15 20.14
C GLU D 188 -4.06 -41.60 21.41
N LYS D 189 -3.27 -41.42 22.47
CA LYS D 189 -3.83 -40.89 23.71
C LYS D 189 -4.33 -39.45 23.51
N ALA D 190 -3.63 -38.66 22.68
CA ALA D 190 -4.10 -37.32 22.36
C ALA D 190 -5.51 -37.36 21.78
N CYS D 191 -5.71 -38.21 20.76
CA CYS D 191 -7.01 -38.37 20.14
C CYS D 191 -8.05 -38.87 21.14
N SER D 192 -7.78 -40.02 21.77
CA SER D 192 -8.73 -40.59 22.72
C SER D 192 -9.21 -39.57 23.75
N LEU D 193 -8.29 -38.75 24.28
CA LEU D 193 -8.70 -37.71 25.23
C LEU D 193 -9.63 -36.70 24.57
N ALA D 194 -9.22 -36.17 23.42
CA ALA D 194 -10.06 -35.17 22.75
C ALA D 194 -11.43 -35.73 22.38
N LYS D 195 -11.46 -36.97 21.86
CA LYS D 195 -12.70 -37.59 21.43
C LYS D 195 -13.65 -37.79 22.60
N THR D 196 -13.18 -38.48 23.66
CA THR D 196 -14.05 -38.65 24.83
C THR D 196 -14.58 -37.31 25.32
N ALA D 197 -13.74 -36.28 25.30
CA ALA D 197 -14.20 -34.95 25.69
C ALA D 197 -15.34 -34.48 24.80
N PHE D 198 -15.14 -34.58 23.48
CA PHE D 198 -16.09 -33.99 22.53
C PHE D 198 -17.41 -34.76 22.50
N ASP D 199 -17.33 -36.09 22.38
CA ASP D 199 -18.51 -36.94 22.45
C ASP D 199 -19.31 -36.65 23.72
N GLU D 200 -18.66 -36.78 24.88
CA GLU D 200 -19.35 -36.46 26.13
C GLU D 200 -19.90 -35.04 26.13
N ALA D 201 -19.35 -34.15 25.31
CA ALA D 201 -19.83 -32.77 25.29
C ALA D 201 -21.11 -32.62 24.46
N ILE D 202 -21.11 -33.10 23.21
CA ILE D 202 -22.32 -33.00 22.40
C ILE D 202 -23.45 -33.74 23.07
N ALA D 203 -23.15 -34.85 23.76
CA ALA D 203 -24.20 -35.66 24.38
C ALA D 203 -25.06 -34.89 25.37
N GLU D 204 -24.64 -33.69 25.75
CA GLU D 204 -25.41 -32.85 26.64
C GLU D 204 -25.63 -31.48 26.00
N LEU D 205 -25.63 -31.45 24.67
CA LEU D 205 -26.10 -30.26 23.95
C LEU D 205 -27.47 -29.86 24.46
N ASP D 206 -28.33 -30.84 24.76
CA ASP D 206 -29.63 -30.58 25.36
C ASP D 206 -29.55 -29.70 26.61
N THR D 207 -28.57 -29.95 27.50
CA THR D 207 -28.46 -29.23 28.77
C THR D 207 -27.65 -27.93 28.70
N LEU D 208 -27.00 -27.64 27.58
CA LEU D 208 -26.14 -26.45 27.47
C LEU D 208 -26.88 -25.20 27.95
N SER D 209 -26.18 -24.37 28.73
CA SER D 209 -26.73 -23.12 29.25
C SER D 209 -26.11 -21.92 28.53
N GLU D 210 -26.97 -21.03 28.02
CA GLU D 210 -26.48 -19.78 27.43
C GLU D 210 -25.66 -19.00 28.45
N GLU D 211 -24.93 -18.02 27.94
CA GLU D 211 -23.78 -17.35 28.57
C GLU D 211 -22.55 -18.25 28.56
N SER D 212 -22.69 -19.51 28.09
CA SER D 212 -21.58 -20.45 27.92
C SER D 212 -21.68 -21.21 26.61
N TYR D 213 -22.46 -20.72 25.64
CA TYR D 213 -22.77 -21.44 24.41
C TYR D 213 -21.73 -21.18 23.31
N LYS D 214 -21.52 -19.90 22.98
CA LYS D 214 -20.51 -19.56 21.97
C LYS D 214 -19.14 -20.08 22.38
N ASP D 215 -18.75 -19.83 23.64
CA ASP D 215 -17.48 -20.31 24.15
C ASP D 215 -17.38 -21.83 24.05
N SER D 216 -18.33 -22.54 24.67
CA SER D 216 -18.29 -24.01 24.65
C SER D 216 -18.19 -24.54 23.23
N THR D 217 -19.10 -24.12 22.35
CA THR D 217 -19.11 -24.72 21.02
C THR D 217 -17.84 -24.40 20.27
N LEU D 218 -17.40 -23.13 20.33
CA LEU D 218 -16.12 -22.77 19.73
C LEU D 218 -15.04 -23.78 20.13
N ILE D 219 -14.91 -24.04 21.44
CA ILE D 219 -13.90 -24.98 21.91
C ILE D 219 -14.13 -26.36 21.31
N MET D 220 -15.39 -26.79 21.24
CA MET D 220 -15.66 -28.12 20.69
C MET D 220 -15.24 -28.22 19.23
N GLN D 221 -15.54 -27.21 18.42
CA GLN D 221 -15.06 -27.23 17.06
C GLN D 221 -13.53 -27.20 17.01
N LEU D 222 -12.88 -26.62 18.03
CA LEU D 222 -11.42 -26.74 18.10
C LEU D 222 -10.99 -28.19 18.35
N LEU D 223 -11.71 -28.91 19.22
CA LEU D 223 -11.41 -30.31 19.46
C LEU D 223 -11.53 -31.14 18.18
N ARG D 224 -12.64 -30.98 17.45
CA ARG D 224 -12.82 -31.74 16.21
C ARG D 224 -11.86 -31.31 15.12
N ASP D 225 -11.51 -30.01 15.09
CA ASP D 225 -10.45 -29.53 14.20
C ASP D 225 -9.17 -30.31 14.40
N ASN D 226 -8.73 -30.44 15.66
CA ASN D 226 -7.50 -31.18 15.94
C ASN D 226 -7.67 -32.66 15.59
N LEU D 227 -8.78 -33.27 16.03
CA LEU D 227 -9.00 -34.68 15.75
C LEU D 227 -8.89 -34.99 14.26
N THR D 228 -9.50 -34.14 13.43
CA THR D 228 -9.58 -34.42 12.00
C THR D 228 -8.19 -34.55 11.39
N LEU D 229 -7.29 -33.61 11.70
CA LEU D 229 -5.90 -33.73 11.26
C LEU D 229 -5.28 -34.99 11.84
N TRP D 230 -5.54 -35.25 13.11
CA TRP D 230 -4.93 -36.38 13.80
C TRP D 230 -5.39 -37.72 13.20
N THR D 231 -6.69 -37.97 13.14
CA THR D 231 -7.21 -39.18 12.46
C THR D 231 -6.77 -39.23 10.99
N ARG E 1 -5.18 5.72 1.56
CA ARG E 1 -4.78 4.44 0.99
C ARG E 1 -6.00 3.58 0.57
N LYS E 2 -5.70 2.34 0.15
CA LYS E 2 -6.72 1.42 -0.37
C LYS E 2 -7.11 0.42 0.72
N LEU E 3 -8.40 0.33 0.99
CA LEU E 3 -8.89 -0.72 1.92
C LEU E 3 -8.58 -2.11 1.35
N SEP E 4 -8.90 -2.31 0.07
CA SEP E 4 -8.84 -3.62 -0.56
CB SEP E 4 -9.80 -3.64 -1.77
OG SEP E 4 -9.38 -2.73 -2.76
C SEP E 4 -7.43 -3.98 -1.00
O SEP E 4 -6.53 -3.14 -0.97
P SEP E 4 -10.50 -2.62 -3.91
O1P SEP E 4 -10.73 -4.07 -4.55
O2P SEP E 4 -11.92 -2.12 -3.35
O3P SEP E 4 -10.00 -1.57 -5.00
N LEU E 5 -7.24 -5.22 -1.42
CA LEU E 5 -5.93 -5.75 -1.80
C LEU E 5 -5.28 -4.99 -2.93
N GLN E 6 -3.94 -4.93 -2.93
CA GLN E 6 -3.20 -4.33 -4.05
C GLN E 6 -3.01 -5.38 -5.14
N GLU E 7 -3.62 -5.13 -6.31
CA GLU E 7 -3.45 -5.98 -7.48
C GLU E 7 -3.29 -5.16 -8.76
N ARG E 8 -2.86 -3.91 -8.66
CA ARG E 8 -2.69 -3.07 -9.84
C ARG E 8 -1.21 -3.00 -10.24
N ARG F 1 14.26 15.16 -16.21
CA ARG F 1 13.01 15.69 -16.78
C ARG F 1 13.04 15.75 -18.32
N LYS F 2 11.91 16.18 -18.88
CA LYS F 2 11.87 16.56 -20.29
C LYS F 2 12.28 18.00 -20.42
N LEU F 3 12.67 18.38 -21.64
CA LEU F 3 13.25 19.68 -21.87
C LEU F 3 12.19 20.69 -22.33
N SEP F 4 11.01 20.23 -22.73
CA SEP F 4 10.01 21.14 -23.25
CB SEP F 4 9.18 20.44 -24.32
OG SEP F 4 8.23 19.62 -23.69
C SEP F 4 9.09 21.71 -22.15
O SEP F 4 9.02 21.16 -21.06
P SEP F 4 7.54 18.64 -24.74
O1P SEP F 4 6.67 19.47 -25.78
O2P SEP F 4 8.68 17.83 -25.55
O3P SEP F 4 6.67 17.64 -23.86
N LEU F 5 8.40 22.82 -22.45
CA LEU F 5 7.40 23.40 -21.55
C LEU F 5 6.36 22.37 -21.12
N GLN F 6 6.18 22.19 -19.82
CA GLN F 6 5.20 21.24 -19.30
C GLN F 6 3.89 21.98 -19.05
N GLU F 7 2.88 21.68 -19.88
CA GLU F 7 1.58 22.37 -19.90
C GLU F 7 0.56 21.40 -19.29
N ARG F 8 0.41 21.48 -17.96
CA ARG F 8 -0.23 20.47 -17.08
C ARG F 8 -1.53 19.85 -17.63
N ARG G 1 -4.57 7.27 9.40
CA ARG G 1 -4.42 6.46 8.21
C ARG G 1 -2.96 6.39 7.72
N LYS G 2 -2.52 5.18 7.39
CA LYS G 2 -1.14 4.89 6.96
C LYS G 2 -0.95 5.33 5.50
N LEU G 3 -0.75 6.65 5.33
CA LEU G 3 -0.61 7.30 4.04
C LEU G 3 0.84 7.30 3.53
N SEP G 4 1.79 7.13 4.44
CA SEP G 4 3.20 7.22 4.07
CB SEP G 4 4.02 7.63 5.29
OG SEP G 4 3.50 6.98 6.43
C SEP G 4 3.76 5.92 3.50
O SEP G 4 3.05 4.91 3.39
P SEP G 4 4.49 7.10 7.69
O1P SEP G 4 5.97 7.38 7.16
O2P SEP G 4 4.39 5.70 8.47
O3P SEP G 4 4.01 8.30 8.67
N LEU G 5 5.03 5.94 3.13
CA LEU G 5 5.65 4.73 2.64
C LEU G 5 5.74 3.74 3.81
N GLN G 6 4.99 2.64 3.71
CA GLN G 6 5.06 1.59 4.73
C GLN G 6 6.28 0.72 4.44
N GLU G 7 7.43 1.13 5.01
CA GLU G 7 8.68 0.40 4.80
C GLU G 7 8.65 -0.88 5.63
N ARG G 8 8.60 -2.02 4.94
CA ARG G 8 8.66 -3.33 5.60
C ARG G 8 8.95 -4.46 4.59
N ARG H 1 1.86 -24.68 13.41
CA ARG H 1 0.47 -24.66 13.88
C ARG H 1 0.35 -24.76 15.40
N LYS H 2 -0.34 -23.78 15.99
CA LYS H 2 -0.69 -23.84 17.40
C LYS H 2 -2.05 -24.51 17.50
N LEU H 3 -2.08 -25.72 18.02
CA LEU H 3 -3.35 -26.44 18.21
C LEU H 3 -4.01 -26.14 19.56
N SEP H 4 -3.27 -25.52 20.48
CA SEP H 4 -3.82 -25.18 21.77
CB SEP H 4 -2.70 -24.80 22.74
OG SEP H 4 -1.62 -24.15 22.05
C SEP H 4 -4.84 -24.05 21.65
O SEP H 4 -4.97 -23.44 20.58
P SEP H 4 -0.82 -23.14 23.05
O1P SEP H 4 -0.63 -21.66 22.46
O2P SEP H 4 -1.67 -22.92 24.41
O3P SEP H 4 0.60 -23.85 23.31
N LEU H 5 -5.60 -23.81 22.72
CA LEU H 5 -6.55 -22.70 22.81
C LEU H 5 -5.86 -21.34 22.56
N GLN H 6 -6.53 -20.42 21.86
CA GLN H 6 -5.86 -19.21 21.41
C GLN H 6 -6.60 -17.93 21.79
N GLU H 7 -7.54 -17.99 22.73
CA GLU H 7 -8.28 -16.77 23.12
C GLU H 7 -7.43 -15.78 23.94
#